data_3H7A
#
_entry.id   3H7A
#
_cell.length_a   91.431
_cell.length_b   91.431
_cell.length_c   270.709
_cell.angle_alpha   90.00
_cell.angle_beta   90.00
_cell.angle_gamma   90.00
#
_symmetry.space_group_name_H-M   'P 41 21 2'
#
loop_
_entity.id
_entity.type
_entity.pdbx_description
1 polymer 'short chain dehydrogenase'
2 non-polymer 'UNKNOWN LIGAND'
3 water water
#
_entity_poly.entity_id   1
_entity_poly.type   'polypeptide(L)'
_entity_poly.pdbx_seq_one_letter_code
;MSLTPRNATVAVIGAGDYIGAEIAKKFAAEGFTVFAGRRNGEKLAPLVAEIEAAGGRIVARSLDARNEDEVTAFLNAADA
HAPLEVTIFNVGANVNFPILETTDRVFRKVWEMACWAGFVSGRESARLMLAHGQGKIFFTGATASLRGGSGFAAFASAKF
GLRAVAQSMARELMPKNIHVAHLIIDSGVDTAWVRERREQMFGKDALANPDLLMPPAAVAGAYWQLYQQPKSAWTFEMEI
RPYGEGHHHHHH
;
_entity_poly.pdbx_strand_id   A,B,C,D
#
# COMPACT_ATOMS: atom_id res chain seq x y z
N PRO A 5 -23.42 3.69 35.16
CA PRO A 5 -22.90 4.33 33.96
C PRO A 5 -21.37 4.57 33.97
N ARG A 6 -20.90 5.19 32.89
CA ARG A 6 -19.50 5.46 32.67
C ARG A 6 -19.19 6.93 32.95
N ASN A 7 -20.26 7.70 33.18
CA ASN A 7 -20.22 9.16 33.36
C ASN A 7 -19.48 9.83 32.20
N ALA A 8 -19.82 9.42 30.98
CA ALA A 8 -19.10 9.88 29.82
C ALA A 8 -20.03 9.78 28.64
N THR A 9 -19.76 10.57 27.60
CA THR A 9 -20.63 10.55 26.40
C THR A 9 -19.93 9.93 25.19
N VAL A 10 -20.71 9.38 24.28
CA VAL A 10 -20.16 8.89 23.03
C VAL A 10 -20.95 9.61 21.97
N ALA A 11 -20.26 10.29 21.05
CA ALA A 11 -20.96 10.98 19.96
C ALA A 11 -21.03 10.07 18.73
N VAL A 12 -22.24 9.76 18.27
CA VAL A 12 -22.36 9.01 17.02
C VAL A 12 -22.91 9.93 15.96
N ILE A 13 -22.03 10.34 15.07
CA ILE A 13 -22.37 11.26 14.01
C ILE A 13 -22.63 10.40 12.79
N GLY A 14 -23.90 10.30 12.44
CA GLY A 14 -24.33 9.42 11.38
C GLY A 14 -25.00 8.22 12.01
N ALA A 15 -26.04 8.47 12.79
CA ALA A 15 -26.79 7.40 13.46
C ALA A 15 -28.07 7.03 12.71
N GLY A 16 -28.19 7.50 11.47
CA GLY A 16 -29.40 7.28 10.70
C GLY A 16 -29.49 5.98 9.92
N ASP A 17 -28.41 5.21 9.88
CA ASP A 17 -28.43 3.91 9.22
C ASP A 17 -28.46 2.78 10.24
N TYR A 18 -28.52 1.55 9.77
CA TYR A 18 -28.52 0.40 10.66
C TYR A 18 -27.20 0.28 11.44
N ILE A 19 -26.08 0.58 10.78
CA ILE A 19 -24.76 0.56 11.41
C ILE A 19 -24.68 1.59 12.54
N GLY A 20 -25.15 2.82 12.24
CA GLY A 20 -25.21 3.92 13.21
C GLY A 20 -26.06 3.57 14.42
N ALA A 21 -27.24 3.03 14.16
CA ALA A 21 -28.13 2.55 15.22
C ALA A 21 -27.43 1.53 16.12
N GLU A 22 -26.73 0.56 15.52
CA GLU A 22 -26.06 -0.50 16.28
C GLU A 22 -24.88 -0.04 17.12
N ILE A 23 -24.14 0.95 16.62
CA ILE A 23 -23.06 1.57 17.38
C ILE A 23 -23.66 2.26 18.61
N ALA A 24 -24.75 3.00 18.39
CA ALA A 24 -25.49 3.62 19.48
C ALA A 24 -25.95 2.60 20.51
N LYS A 25 -26.61 1.52 20.06
CA LYS A 25 -27.07 0.48 20.97
CA LYS A 25 -27.06 0.43 20.94
C LYS A 25 -25.92 -0.14 21.78
N LYS A 26 -24.79 -0.41 21.11
CA LYS A 26 -23.65 -1.02 21.75
C LYS A 26 -23.02 -0.18 22.84
N PHE A 27 -22.69 1.09 22.55
CA PHE A 27 -22.06 1.92 23.57
C PHE A 27 -22.98 2.31 24.73
N ALA A 28 -24.29 2.40 24.44
CA ALA A 28 -25.31 2.60 25.47
C ALA A 28 -25.39 1.42 26.42
N ALA A 29 -25.42 0.20 25.86
CA ALA A 29 -25.37 -1.04 26.65
C ALA A 29 -24.14 -1.13 27.55
N GLU A 30 -23.03 -0.55 27.12
CA GLU A 30 -21.82 -0.51 27.97
C GLU A 30 -21.79 0.65 28.98
N GLY A 31 -22.88 1.41 29.06
CA GLY A 31 -23.06 2.42 30.10
C GLY A 31 -22.68 3.84 29.76
N PHE A 32 -22.36 4.09 28.48
CA PHE A 32 -22.10 5.44 28.02
C PHE A 32 -23.41 6.15 27.73
N THR A 33 -23.43 7.46 27.91
CA THR A 33 -24.53 8.28 27.41
C THR A 33 -24.23 8.63 25.96
N VAL A 34 -25.03 8.10 25.05
CA VAL A 34 -24.82 8.27 23.63
C VAL A 34 -25.52 9.55 23.15
N PHE A 35 -24.81 10.36 22.39
CA PHE A 35 -25.38 11.47 21.66
C PHE A 35 -25.45 11.06 20.21
N ALA A 36 -26.66 10.89 19.71
CA ALA A 36 -26.83 10.35 18.36
C ALA A 36 -27.32 11.45 17.45
N GLY A 37 -26.67 11.61 16.30
CA GLY A 37 -27.08 12.65 15.37
C GLY A 37 -27.35 12.08 14.00
N ARG A 38 -28.42 12.56 13.38
CA ARG A 38 -28.77 12.28 11.97
C ARG A 38 -29.54 13.49 11.44
N ARG A 39 -29.73 13.58 10.12
CA ARG A 39 -30.36 14.77 9.52
C ARG A 39 -31.76 15.09 10.05
N ASN A 40 -32.67 14.10 10.06
CA ASN A 40 -33.92 14.26 10.80
C ASN A 40 -33.85 13.55 12.14
N GLY A 41 -33.61 14.30 13.21
CA GLY A 41 -33.43 13.75 14.56
C GLY A 41 -34.66 13.12 15.18
N GLU A 42 -35.83 13.41 14.60
CA GLU A 42 -37.09 12.80 15.04
C GLU A 42 -37.20 11.32 14.63
N LYS A 43 -36.44 10.94 13.60
CA LYS A 43 -36.35 9.55 13.19
C LYS A 43 -35.50 8.68 14.13
N LEU A 44 -34.79 9.31 15.06
CA LEU A 44 -34.07 8.58 16.11
C LEU A 44 -34.98 8.17 17.26
N ALA A 45 -36.21 8.68 17.28
CA ALA A 45 -37.14 8.42 18.40
C ALA A 45 -37.37 6.92 18.71
N PRO A 46 -37.59 6.06 17.67
CA PRO A 46 -37.66 4.61 17.95
C PRO A 46 -36.39 4.03 18.63
N LEU A 47 -35.22 4.44 18.16
CA LEU A 47 -33.95 4.01 18.73
C LEU A 47 -33.81 4.46 20.18
N VAL A 48 -34.16 5.72 20.46
CA VAL A 48 -34.14 6.27 21.82
C VAL A 48 -35.02 5.41 22.74
N ALA A 49 -36.24 5.13 22.27
CA ALA A 49 -37.22 4.34 23.01
C ALA A 49 -36.73 2.92 23.29
N GLU A 50 -36.10 2.31 22.28
CA GLU A 50 -35.50 0.97 22.42
C GLU A 50 -34.35 0.94 23.44
N ILE A 51 -33.41 1.87 23.30
CA ILE A 51 -32.24 1.94 24.18
C ILE A 51 -32.66 2.22 25.62
N GLU A 52 -33.58 3.17 25.79
CA GLU A 52 -34.05 3.57 27.12
C GLU A 52 -34.91 2.53 27.83
N ALA A 53 -35.69 1.76 27.07
CA ALA A 53 -36.41 0.61 27.64
C ALA A 53 -35.42 -0.43 28.18
N ALA A 54 -34.31 -0.64 27.46
CA ALA A 54 -33.25 -1.54 27.91
C ALA A 54 -32.43 -1.00 29.08
N GLY A 55 -32.68 0.24 29.50
CA GLY A 55 -31.95 0.83 30.62
C GLY A 55 -30.78 1.69 30.21
N GLY A 56 -30.60 1.90 28.90
CA GLY A 56 -29.53 2.76 28.38
C GLY A 56 -29.82 4.26 28.36
N ARG A 57 -28.78 5.07 28.17
CA ARG A 57 -28.92 6.52 28.11
C ARG A 57 -28.54 7.02 26.72
N ILE A 58 -29.40 7.88 26.15
CA ILE A 58 -29.19 8.42 24.80
C ILE A 58 -29.91 9.75 24.58
N VAL A 59 -29.21 10.71 23.98
CA VAL A 59 -29.79 11.98 23.54
C VAL A 59 -29.72 12.07 22.00
N ALA A 60 -30.86 12.33 21.38
CA ALA A 60 -30.98 12.41 19.93
C ALA A 60 -31.06 13.87 19.49
N ARG A 61 -30.32 14.24 18.45
CA ARG A 61 -30.33 15.59 17.92
C ARG A 61 -30.42 15.55 16.40
N SER A 62 -31.11 16.52 15.80
CA SER A 62 -31.03 16.71 14.35
C SER A 62 -29.67 17.31 14.08
N LEU A 63 -29.00 16.84 13.04
CA LEU A 63 -27.65 17.31 12.73
C LEU A 63 -27.38 17.19 11.24
N ASP A 64 -27.00 18.29 10.61
CA ASP A 64 -26.53 18.25 9.24
C ASP A 64 -25.03 18.41 9.30
N ALA A 65 -24.34 17.30 9.10
CA ALA A 65 -22.91 17.21 9.35
C ALA A 65 -22.07 18.08 8.41
N ARG A 66 -22.63 18.49 7.28
CA ARG A 66 -21.96 19.47 6.41
C ARG A 66 -21.76 20.84 7.07
N ASN A 67 -22.60 21.14 8.05
CA ASN A 67 -22.60 22.42 8.75
C ASN A 67 -21.67 22.35 9.94
N GLU A 68 -20.51 22.99 9.79
CA GLU A 68 -19.50 22.98 10.85
C GLU A 68 -19.99 23.56 12.19
N ASP A 69 -20.88 24.55 12.16
CA ASP A 69 -21.45 25.12 13.36
C ASP A 69 -22.31 24.09 14.10
N GLU A 70 -23.10 23.31 13.34
CA GLU A 70 -23.96 22.29 13.95
C GLU A 70 -23.13 21.15 14.51
N VAL A 71 -22.05 20.78 13.80
CA VAL A 71 -21.20 19.69 14.25
C VAL A 71 -20.55 20.11 15.57
N THR A 72 -20.01 21.32 15.58
CA THR A 72 -19.37 21.85 16.80
C THR A 72 -20.34 21.97 17.97
N ALA A 73 -21.57 22.41 17.69
CA ALA A 73 -22.60 22.53 18.74
C ALA A 73 -23.03 21.17 19.23
N PHE A 74 -23.13 20.18 18.33
CA PHE A 74 -23.46 18.80 18.71
C PHE A 74 -22.45 18.25 19.73
N LEU A 75 -21.18 18.39 19.42
CA LEU A 75 -20.08 17.86 20.23
C LEU A 75 -19.91 18.62 21.56
N ASN A 76 -20.10 19.94 21.51
CA ASN A 76 -20.18 20.76 22.73
C ASN A 76 -21.34 20.32 23.63
N ALA A 77 -22.50 20.10 23.03
CA ALA A 77 -23.65 19.61 23.77
C ALA A 77 -23.33 18.29 24.48
N ALA A 78 -22.72 17.35 23.75
CA ALA A 78 -22.28 16.05 24.30
C ALA A 78 -21.34 16.22 25.49
N ASP A 79 -20.28 17.00 25.30
CA ASP A 79 -19.30 17.22 26.34
C ASP A 79 -19.88 17.95 27.55
N ALA A 80 -20.84 18.85 27.32
CA ALA A 80 -21.53 19.56 28.41
C ALA A 80 -22.33 18.59 29.26
N HIS A 81 -22.91 17.56 28.63
CA HIS A 81 -23.61 16.52 29.37
C HIS A 81 -22.69 15.67 30.26
N ALA A 82 -21.66 15.04 29.67
CA ALA A 82 -20.62 14.29 30.43
C ALA A 82 -19.43 14.27 29.49
N PRO A 83 -18.18 14.12 30.02
CA PRO A 83 -17.00 14.17 29.17
C PRO A 83 -17.12 13.29 27.92
N LEU A 84 -16.95 13.92 26.76
CA LEU A 84 -16.91 13.21 25.50
C LEU A 84 -15.66 12.33 25.50
N GLU A 85 -15.89 11.02 25.48
CA GLU A 85 -14.79 10.08 25.50
C GLU A 85 -14.59 9.36 24.19
N VAL A 86 -15.68 9.17 23.44
CA VAL A 86 -15.57 8.55 22.13
C VAL A 86 -16.36 9.33 21.09
N THR A 87 -15.76 9.55 19.93
CA THR A 87 -16.51 10.09 18.81
C THR A 87 -16.38 9.07 17.71
N ILE A 88 -17.52 8.68 17.13
CA ILE A 88 -17.53 7.79 15.99
C ILE A 88 -18.18 8.52 14.83
N PHE A 89 -17.39 8.79 13.79
CA PHE A 89 -17.89 9.52 12.65
C PHE A 89 -18.26 8.51 11.60
N ASN A 90 -19.53 8.55 11.17
CA ASN A 90 -20.13 7.49 10.38
C ASN A 90 -21.05 8.04 9.31
N VAL A 91 -20.54 8.89 8.44
CA VAL A 91 -21.40 9.53 7.45
C VAL A 91 -20.90 9.08 6.09
N GLY A 92 -21.72 8.26 5.43
CA GLY A 92 -21.35 7.70 4.14
C GLY A 92 -21.97 8.56 3.07
N ALA A 93 -21.82 8.13 1.83
CA ALA A 93 -22.27 8.90 0.68
C ALA A 93 -22.01 8.08 -0.57
N ASN A 94 -22.24 6.76 -0.47
CA ASN A 94 -21.87 5.83 -1.54
C ASN A 94 -22.67 6.07 -2.85
N VAL A 95 -22.08 6.86 -3.74
CA VAL A 95 -22.72 7.17 -5.02
C VAL A 95 -21.72 6.86 -6.12
N ASN A 96 -22.25 6.54 -7.29
CA ASN A 96 -21.46 6.21 -8.46
C ASN A 96 -22.01 6.96 -9.66
N PHE A 97 -21.13 7.67 -10.35
CA PHE A 97 -21.43 8.35 -11.61
C PHE A 97 -20.16 8.28 -12.44
N PRO A 98 -20.29 7.97 -13.75
CA PRO A 98 -19.16 8.14 -14.67
C PRO A 98 -18.60 9.56 -14.59
N ILE A 99 -17.30 9.74 -14.87
CA ILE A 99 -16.66 11.04 -14.65
C ILE A 99 -17.41 12.24 -15.25
N LEU A 100 -17.85 12.12 -16.50
CA LEU A 100 -18.52 13.20 -17.19
C LEU A 100 -19.90 13.52 -16.58
N GLU A 101 -20.44 12.57 -15.83
CA GLU A 101 -21.74 12.72 -15.19
C GLU A 101 -21.64 13.09 -13.72
N THR A 102 -20.41 13.33 -13.26
CA THR A 102 -20.19 13.75 -11.88
C THR A 102 -20.23 15.25 -11.88
N THR A 103 -21.30 15.80 -11.33
CA THR A 103 -21.56 17.24 -11.41
C THR A 103 -20.75 17.95 -10.33
N ASP A 104 -20.62 19.27 -10.48
CA ASP A 104 -20.05 20.11 -9.45
C ASP A 104 -20.77 19.91 -8.12
N ARG A 105 -22.10 19.88 -8.17
CA ARG A 105 -22.93 19.79 -6.98
C ARG A 105 -22.67 18.49 -6.22
N VAL A 106 -22.61 17.39 -6.96
CA VAL A 106 -22.37 16.06 -6.39
C VAL A 106 -20.97 15.91 -5.79
N PHE A 107 -19.93 16.33 -6.52
CA PHE A 107 -18.57 16.24 -6.00
C PHE A 107 -18.38 17.03 -4.71
N ARG A 108 -18.90 18.25 -4.67
CA ARG A 108 -18.81 19.11 -3.50
C ARG A 108 -19.63 18.56 -2.32
N LYS A 109 -20.88 18.21 -2.55
CA LYS A 109 -21.74 17.67 -1.50
C LYS A 109 -21.13 16.42 -0.87
N VAL A 110 -20.55 15.54 -1.71
CA VAL A 110 -19.92 14.32 -1.22
C VAL A 110 -18.71 14.67 -0.32
N TRP A 111 -17.85 15.59 -0.75
CA TRP A 111 -16.75 16.01 0.12
C TRP A 111 -17.25 16.63 1.42
N GLU A 112 -18.32 17.43 1.33
CA GLU A 112 -18.87 18.12 2.48
C GLU A 112 -19.46 17.15 3.50
N MET A 113 -20.12 16.10 3.03
CA MET A 113 -20.75 15.14 3.94
C MET A 113 -19.74 14.17 4.55
N ALA A 114 -18.76 13.75 3.75
CA ALA A 114 -18.00 12.54 4.04
C ALA A 114 -16.55 12.81 4.42
N CYS A 115 -16.06 14.03 4.19
CA CYS A 115 -14.67 14.39 4.44
C CYS A 115 -14.57 15.63 5.33
N TRP A 116 -15.08 16.78 4.82
CA TRP A 116 -15.21 18.03 5.57
C TRP A 116 -15.82 17.82 6.95
N ALA A 117 -16.98 17.17 6.97
CA ALA A 117 -17.67 16.88 8.23
C ALA A 117 -16.84 16.05 9.19
N GLY A 118 -16.01 15.17 8.64
CA GLY A 118 -15.16 14.28 9.40
C GLY A 118 -14.02 15.04 10.03
N PHE A 119 -13.44 15.93 9.24
CA PHE A 119 -12.39 16.83 9.70
C PHE A 119 -12.85 17.71 10.86
N VAL A 120 -13.99 18.36 10.70
CA VAL A 120 -14.57 19.22 11.74
C VAL A 120 -14.91 18.35 12.96
N SER A 121 -15.54 17.20 12.73
CA SER A 121 -15.83 16.24 13.82
C SER A 121 -14.59 15.84 14.61
N GLY A 122 -13.49 15.60 13.90
CA GLY A 122 -12.26 15.16 14.54
C GLY A 122 -11.52 16.28 15.25
N ARG A 123 -11.44 17.45 14.60
CA ARG A 123 -10.80 18.62 15.20
CA ARG A 123 -10.80 18.62 15.20
C ARG A 123 -11.54 19.04 16.47
N GLU A 124 -12.87 19.12 16.38
CA GLU A 124 -13.64 19.57 17.52
C GLU A 124 -13.64 18.54 18.66
N SER A 125 -13.64 17.25 18.32
CA SER A 125 -13.57 16.18 19.32
C SER A 125 -12.24 16.23 20.05
N ALA A 126 -11.17 16.43 19.29
CA ALA A 126 -9.82 16.50 19.85
C ALA A 126 -9.71 17.66 20.83
N ARG A 127 -10.26 18.81 20.45
CA ARG A 127 -10.32 19.98 21.32
C ARG A 127 -10.95 19.64 22.66
N LEU A 128 -12.10 18.99 22.62
CA LEU A 128 -12.83 18.65 23.84
C LEU A 128 -12.11 17.56 24.65
N MET A 129 -11.58 16.56 23.95
CA MET A 129 -10.93 15.40 24.60
C MET A 129 -9.63 15.77 25.26
N LEU A 130 -8.85 16.63 24.60
CA LEU A 130 -7.54 17.00 25.12
C LEU A 130 -7.65 17.71 26.47
N ALA A 131 -8.78 18.39 26.68
CA ALA A 131 -9.05 19.07 27.96
C ALA A 131 -9.31 18.08 29.10
N HIS A 132 -9.79 16.88 28.77
CA HIS A 132 -9.97 15.81 29.75
C HIS A 132 -8.72 14.93 29.81
N GLY A 133 -7.81 15.10 28.86
CA GLY A 133 -6.58 14.31 28.81
C GLY A 133 -6.65 12.92 28.22
N GLN A 134 -7.76 12.57 27.56
CA GLN A 134 -7.91 11.26 26.95
C GLN A 134 -9.08 11.29 25.98
N GLY A 135 -9.14 10.30 25.10
CA GLY A 135 -10.31 10.12 24.23
C GLY A 135 -10.03 9.15 23.11
N LYS A 136 -11.08 8.80 22.36
CA LYS A 136 -10.92 7.92 21.21
C LYS A 136 -11.72 8.54 20.06
N ILE A 137 -11.12 8.66 18.88
CA ILE A 137 -11.81 9.25 17.74
C ILE A 137 -11.82 8.24 16.61
N PHE A 138 -12.99 7.75 16.23
CA PHE A 138 -13.07 6.65 15.25
C PHE A 138 -13.78 7.12 13.98
N PHE A 139 -13.31 6.62 12.84
CA PHE A 139 -13.85 7.03 11.54
C PHE A 139 -14.22 5.77 10.76
N THR A 140 -15.44 5.72 10.20
CA THR A 140 -15.84 4.61 9.39
C THR A 140 -15.34 4.87 7.98
N GLY A 141 -14.55 3.94 7.44
CA GLY A 141 -14.10 4.01 6.05
C GLY A 141 -14.71 2.91 5.19
N ALA A 142 -14.31 2.87 3.92
CA ALA A 142 -14.84 1.90 2.97
C ALA A 142 -13.71 1.41 2.08
N THR A 143 -13.99 0.50 1.15
CA THR A 143 -12.96 0.08 0.20
C THR A 143 -12.55 1.27 -0.68
N ALA A 144 -13.51 2.19 -0.87
CA ALA A 144 -13.26 3.44 -1.58
C ALA A 144 -12.33 4.43 -0.84
N SER A 145 -12.01 4.17 0.43
CA SER A 145 -10.91 4.86 1.15
C SER A 145 -9.55 4.36 0.70
N LEU A 146 -9.52 3.20 0.03
CA LEU A 146 -8.24 2.57 -0.30
C LEU A 146 -7.94 2.58 -1.79
N ARG A 147 -8.98 2.45 -2.60
CA ARG A 147 -8.80 2.51 -4.04
C ARG A 147 -10.03 3.11 -4.71
N GLY A 148 -9.79 3.87 -5.77
CA GLY A 148 -10.88 4.51 -6.49
C GLY A 148 -11.27 3.76 -7.74
N GLY A 149 -12.50 3.25 -7.76
CA GLY A 149 -13.01 2.50 -8.91
C GLY A 149 -13.69 3.38 -9.94
N SER A 150 -14.00 2.80 -11.09
CA SER A 150 -14.70 3.51 -12.16
C SER A 150 -16.06 3.96 -11.64
N GLY A 151 -16.37 5.25 -11.82
CA GLY A 151 -17.60 5.83 -11.31
C GLY A 151 -17.51 6.43 -9.90
N PHE A 152 -16.42 6.17 -9.20
CA PHE A 152 -16.31 6.60 -7.79
C PHE A 152 -15.43 7.81 -7.52
N ALA A 153 -15.17 8.64 -8.53
CA ALA A 153 -14.36 9.85 -8.29
C ALA A 153 -14.82 10.69 -7.10
N ALA A 154 -16.12 10.98 -7.00
CA ALA A 154 -16.63 11.80 -5.92
C ALA A 154 -16.52 11.10 -4.57
N PHE A 155 -17.05 9.87 -4.47
CA PHE A 155 -17.02 9.10 -3.22
C PHE A 155 -15.61 8.75 -2.74
N ALA A 156 -14.76 8.26 -3.66
CA ALA A 156 -13.39 7.86 -3.30
C ALA A 156 -12.52 9.07 -2.93
N SER A 157 -12.71 10.21 -3.60
CA SER A 157 -12.02 11.45 -3.23
C SER A 157 -12.28 11.84 -1.79
N ALA A 158 -13.55 11.87 -1.41
CA ALA A 158 -13.95 12.19 -0.04
C ALA A 158 -13.44 11.17 0.98
N LYS A 159 -13.54 9.87 0.65
CA LYS A 159 -13.08 8.77 1.53
C LYS A 159 -11.56 8.72 1.70
N PHE A 160 -10.82 8.92 0.60
CA PHE A 160 -9.35 9.08 0.67
C PHE A 160 -9.01 10.27 1.56
N GLY A 161 -9.68 11.40 1.29
CA GLY A 161 -9.55 12.62 2.06
C GLY A 161 -9.71 12.37 3.54
N LEU A 162 -10.76 11.64 3.92
CA LEU A 162 -11.01 11.34 5.33
C LEU A 162 -9.93 10.44 5.94
N ARG A 163 -9.45 9.47 5.15
CA ARG A 163 -8.41 8.54 5.59
C ARG A 163 -7.15 9.34 5.97
N ALA A 164 -6.86 10.33 5.13
CA ALA A 164 -5.70 11.21 5.34
C ALA A 164 -5.82 12.06 6.61
N VAL A 165 -7.02 12.58 6.85
CA VAL A 165 -7.31 13.35 8.06
C VAL A 165 -7.04 12.45 9.26
N ALA A 166 -7.58 11.23 9.20
CA ALA A 166 -7.41 10.24 10.27
C ALA A 166 -5.93 9.92 10.51
N GLN A 167 -5.18 9.70 9.42
CA GLN A 167 -3.73 9.47 9.49
C GLN A 167 -2.96 10.60 10.20
N SER A 168 -3.11 11.83 9.73
CA SER A 168 -2.46 13.01 10.33
C SER A 168 -2.84 13.25 11.77
N MET A 169 -4.13 13.11 12.07
CA MET A 169 -4.59 13.27 13.44
C MET A 169 -3.97 12.21 14.32
N ALA A 170 -3.88 10.97 13.81
CA ALA A 170 -3.28 9.86 14.57
C ALA A 170 -1.81 10.12 14.87
N ARG A 171 -1.06 10.55 13.85
CA ARG A 171 0.36 10.84 14.06
C ARG A 171 0.58 11.85 15.20
N GLU A 172 -0.24 12.90 15.23
CA GLU A 172 -0.10 13.97 16.20
C GLU A 172 -0.63 13.61 17.58
N LEU A 173 -1.75 12.89 17.62
CA LEU A 173 -2.55 12.79 18.83
C LEU A 173 -2.44 11.49 19.60
N MET A 174 -1.99 10.41 18.96
CA MET A 174 -1.73 9.15 19.73
C MET A 174 -0.67 9.32 20.80
N PRO A 175 0.46 10.00 20.50
CA PRO A 175 1.35 10.36 21.59
C PRO A 175 0.74 11.22 22.71
N LYS A 176 -0.41 11.85 22.45
CA LYS A 176 -1.06 12.74 23.42
C LYS A 176 -2.31 12.09 23.99
N ASN A 177 -2.36 10.75 23.92
CA ASN A 177 -3.35 9.92 24.60
C ASN A 177 -4.73 9.90 23.91
N ILE A 178 -4.76 10.22 22.63
CA ILE A 178 -6.01 10.07 21.89
C ILE A 178 -5.86 8.93 20.87
N HIS A 179 -6.68 7.89 21.02
CA HIS A 179 -6.68 6.77 20.08
C HIS A 179 -7.50 7.16 18.87
N VAL A 180 -6.82 7.55 17.79
CA VAL A 180 -7.50 7.82 16.54
C VAL A 180 -7.48 6.53 15.70
N ALA A 181 -8.61 6.16 15.11
CA ALA A 181 -8.69 4.92 14.34
C ALA A 181 -9.60 5.09 13.15
N HIS A 182 -9.40 4.20 12.18
CA HIS A 182 -10.09 4.22 10.92
C HIS A 182 -10.52 2.78 10.67
N LEU A 183 -11.82 2.50 10.75
CA LEU A 183 -12.33 1.15 10.56
C LEU A 183 -12.86 1.02 9.15
N ILE A 184 -12.20 0.24 8.31
CA ILE A 184 -12.62 0.09 6.92
C ILE A 184 -13.63 -1.05 6.79
N ILE A 185 -14.84 -0.73 6.33
CA ILE A 185 -15.89 -1.72 6.16
C ILE A 185 -15.97 -2.22 4.72
N ASP A 186 -15.85 -3.54 4.58
CA ASP A 186 -15.85 -4.35 3.32
C ASP A 186 -14.48 -4.46 2.66
N MET A 214 -22.99 -7.96 5.50
CA MET A 214 -22.49 -7.85 6.88
C MET A 214 -23.54 -7.32 7.86
N PRO A 215 -23.74 -8.00 9.01
CA PRO A 215 -24.57 -7.46 10.07
C PRO A 215 -24.00 -6.17 10.65
N PRO A 216 -24.88 -5.17 10.90
CA PRO A 216 -24.51 -3.92 11.55
C PRO A 216 -23.96 -4.12 12.97
N ALA A 217 -24.48 -5.13 13.69
CA ALA A 217 -23.98 -5.48 15.03
C ALA A 217 -22.49 -5.84 15.04
N ALA A 218 -22.03 -6.37 13.91
CA ALA A 218 -20.63 -6.76 13.72
C ALA A 218 -19.72 -5.54 13.66
N VAL A 219 -20.19 -4.48 13.02
CA VAL A 219 -19.47 -3.20 12.94
C VAL A 219 -19.39 -2.60 14.34
N ALA A 220 -20.52 -2.61 15.05
CA ALA A 220 -20.56 -2.09 16.41
C ALA A 220 -19.58 -2.86 17.29
N GLY A 221 -19.54 -4.18 17.11
CA GLY A 221 -18.61 -5.08 17.80
C GLY A 221 -17.15 -4.73 17.56
N ALA A 222 -16.82 -4.35 16.33
CA ALA A 222 -15.43 -4.02 15.94
C ALA A 222 -14.96 -2.69 16.52
N TYR A 223 -15.87 -1.72 16.58
CA TYR A 223 -15.60 -0.45 17.25
C TYR A 223 -15.45 -0.67 18.76
N TRP A 224 -16.26 -1.56 19.32
CA TRP A 224 -16.06 -1.95 20.72
C TRP A 224 -14.67 -2.57 20.99
N GLN A 225 -14.26 -3.48 20.11
CA GLN A 225 -12.89 -3.98 20.05
C GLN A 225 -11.86 -2.87 20.08
N LEU A 226 -11.99 -1.91 19.16
CA LEU A 226 -11.04 -0.79 19.10
C LEU A 226 -11.06 0.06 20.37
N TYR A 227 -12.25 0.29 20.92
CA TYR A 227 -12.38 1.02 22.17
C TYR A 227 -11.60 0.33 23.31
N GLN A 228 -11.73 -1.00 23.41
CA GLN A 228 -11.10 -1.78 24.49
C GLN A 228 -9.58 -1.92 24.42
N GLN A 229 -8.98 -1.57 23.28
CA GLN A 229 -7.53 -1.70 23.16
C GLN A 229 -6.79 -0.80 24.13
N PRO A 230 -5.82 -1.39 24.87
CA PRO A 230 -4.99 -0.62 25.78
C PRO A 230 -3.93 0.16 25.00
N LYS A 231 -3.44 1.26 25.59
CA LYS A 231 -2.54 2.22 24.97
C LYS A 231 -1.26 1.60 24.38
N SER A 232 -0.80 0.50 24.99
CA SER A 232 0.40 -0.20 24.54
C SER A 232 0.18 -1.05 23.29
N ALA A 233 -1.05 -1.15 22.83
CA ALA A 233 -1.38 -1.96 21.67
C ALA A 233 -2.57 -1.39 20.90
N TRP A 234 -2.45 -0.13 20.46
CA TRP A 234 -3.54 0.50 19.72
C TRP A 234 -3.33 0.27 18.26
N THR A 235 -4.42 0.02 17.55
CA THR A 235 -4.32 -0.03 16.11
C THR A 235 -4.96 1.20 15.46
N PHE A 236 -4.31 1.72 14.43
CA PHE A 236 -4.85 2.85 13.75
C PHE A 236 -5.87 2.37 12.76
N GLU A 237 -5.52 1.40 11.92
CA GLU A 237 -6.43 1.02 10.85
C GLU A 237 -6.78 -0.48 10.83
N MET A 238 -8.07 -0.78 10.72
CA MET A 238 -8.51 -2.15 10.73
C MET A 238 -9.58 -2.35 9.65
N GLU A 239 -9.42 -3.36 8.81
CA GLU A 239 -10.42 -3.69 7.80
C GLU A 239 -11.20 -4.91 8.27
N ILE A 240 -12.52 -4.84 8.16
CA ILE A 240 -13.37 -5.99 8.44
C ILE A 240 -14.22 -6.32 7.21
N ARG A 241 -14.47 -7.61 6.98
CA ARG A 241 -15.47 -8.03 6.00
C ARG A 241 -16.15 -9.34 6.41
N PRO A 242 -17.36 -9.62 5.85
CA PRO A 242 -18.04 -10.85 6.27
C PRO A 242 -17.62 -12.11 5.47
N TYR A 243 -17.73 -13.27 6.12
CA TYR A 243 -17.45 -14.56 5.46
C TYR A 243 -18.52 -15.63 5.73
N THR B 4 8.94 20.94 -36.95
CA THR B 4 7.51 20.90 -37.37
C THR B 4 6.57 21.00 -36.16
N PRO B 5 5.66 21.99 -36.17
CA PRO B 5 4.63 22.15 -35.14
C PRO B 5 3.61 21.01 -35.13
N ARG B 6 3.29 20.53 -33.93
CA ARG B 6 2.14 19.65 -33.78
C ARG B 6 0.89 20.50 -33.82
N ASN B 7 -0.15 19.96 -34.44
CA ASN B 7 -1.45 20.60 -34.39
C ASN B 7 -2.17 20.16 -33.11
N ALA B 8 -1.63 20.55 -31.96
CA ALA B 8 -2.11 20.07 -30.68
C ALA B 8 -1.70 21.02 -29.56
N THR B 9 -2.53 21.06 -28.52
CA THR B 9 -2.20 21.83 -27.31
C THR B 9 -1.92 20.94 -26.10
N VAL B 10 -1.12 21.48 -25.18
CA VAL B 10 -0.91 20.95 -23.83
C VAL B 10 -1.34 22.01 -22.81
N ALA B 11 -2.26 21.65 -21.91
CA ALA B 11 -2.64 22.58 -20.85
C ALA B 11 -1.75 22.33 -19.62
N VAL B 12 -1.01 23.34 -19.20
CA VAL B 12 -0.24 23.24 -17.96
C VAL B 12 -0.96 24.10 -16.93
N ILE B 13 -1.73 23.44 -16.06
CA ILE B 13 -2.46 24.14 -15.02
C ILE B 13 -1.55 24.22 -13.81
N GLY B 14 -0.95 25.40 -13.60
CA GLY B 14 0.02 25.62 -12.53
C GLY B 14 1.42 25.78 -13.09
N ALA B 15 1.58 26.80 -13.95
CA ALA B 15 2.87 27.07 -14.56
C ALA B 15 3.64 28.19 -13.83
N GLY B 16 3.27 28.44 -12.58
CA GLY B 16 3.87 29.51 -11.79
C GLY B 16 5.13 29.18 -11.01
N ASP B 17 5.37 27.90 -10.78
CA ASP B 17 6.61 27.46 -10.12
C ASP B 17 7.64 27.01 -11.14
N TYR B 18 8.82 26.63 -10.65
CA TYR B 18 9.89 26.14 -11.50
C TYR B 18 9.54 24.82 -12.21
N ILE B 19 8.87 23.91 -11.48
CA ILE B 19 8.43 22.66 -12.04
C ILE B 19 7.47 22.92 -13.21
N GLY B 20 6.44 23.72 -12.98
CA GLY B 20 5.45 24.08 -14.00
C GLY B 20 6.05 24.74 -15.23
N ALA B 21 6.99 25.65 -15.02
CA ALA B 21 7.70 26.33 -16.11
C ALA B 21 8.53 25.37 -16.94
N GLU B 22 9.21 24.45 -16.28
CA GLU B 22 10.01 23.43 -16.96
C GLU B 22 9.13 22.45 -17.75
N ILE B 23 7.96 22.13 -17.21
CA ILE B 23 7.02 21.28 -17.93
C ILE B 23 6.59 21.98 -19.23
N ALA B 24 6.28 23.27 -19.12
CA ALA B 24 5.87 24.07 -20.28
C ALA B 24 7.00 24.13 -21.30
N LYS B 25 8.22 24.43 -20.85
CA LYS B 25 9.42 24.42 -21.70
C LYS B 25 9.60 23.10 -22.46
N LYS B 26 9.41 21.98 -21.76
CA LYS B 26 9.58 20.65 -22.36
C LYS B 26 8.56 20.32 -23.44
N PHE B 27 7.29 20.52 -23.14
CA PHE B 27 6.26 20.21 -24.12
C PHE B 27 6.25 21.16 -25.30
N ALA B 28 6.65 22.42 -25.06
CA ALA B 28 6.82 23.38 -26.16
C ALA B 28 8.02 23.01 -27.01
N ALA B 29 9.08 22.49 -26.39
CA ALA B 29 10.30 22.05 -27.09
C ALA B 29 10.03 20.84 -27.97
N GLU B 30 9.00 20.08 -27.60
CA GLU B 30 8.59 18.91 -28.35
C GLU B 30 7.49 19.21 -29.36
N GLY B 31 7.19 20.49 -29.54
CA GLY B 31 6.33 20.90 -30.65
C GLY B 31 4.87 21.13 -30.33
N PHE B 32 4.48 21.13 -29.06
CA PHE B 32 3.09 21.42 -28.71
C PHE B 32 2.92 22.92 -28.49
N THR B 33 1.70 23.44 -28.68
CA THR B 33 1.40 24.76 -28.17
C THR B 33 1.01 24.60 -26.70
N VAL B 34 1.72 25.28 -25.81
CA VAL B 34 1.40 25.18 -24.40
C VAL B 34 0.47 26.31 -23.99
N PHE B 35 -0.63 25.95 -23.36
CA PHE B 35 -1.47 26.87 -22.64
C PHE B 35 -1.03 26.83 -21.19
N ALA B 36 -0.45 27.93 -20.74
CA ALA B 36 0.15 27.99 -19.43
C ALA B 36 -0.71 28.88 -18.57
N GLY B 37 -1.11 28.38 -17.40
CA GLY B 37 -1.90 29.17 -16.47
C GLY B 37 -1.25 29.29 -15.10
N ARG B 38 -1.28 30.50 -14.54
CA ARG B 38 -0.96 30.72 -13.13
C ARG B 38 -1.87 31.85 -12.65
N ARG B 39 -1.96 32.06 -11.34
CA ARG B 39 -2.86 33.09 -10.80
C ARG B 39 -2.62 34.46 -11.43
N ASN B 40 -1.37 34.90 -11.48
CA ASN B 40 -1.05 36.16 -12.17
C ASN B 40 -0.31 35.92 -13.48
N GLY B 41 -1.07 35.94 -14.58
CA GLY B 41 -0.58 35.58 -15.92
C GLY B 41 0.50 36.48 -16.48
N GLU B 42 0.56 37.71 -16.00
CA GLU B 42 1.61 38.63 -16.40
C GLU B 42 3.00 38.17 -15.92
N LYS B 43 3.05 37.41 -14.83
CA LYS B 43 4.30 36.79 -14.35
C LYS B 43 4.82 35.66 -15.24
N LEU B 44 4.00 35.22 -16.20
CA LEU B 44 4.44 34.24 -17.21
C LEU B 44 5.26 34.86 -18.34
N ALA B 45 5.35 36.19 -18.37
CA ALA B 45 6.07 36.89 -19.45
C ALA B 45 7.53 36.46 -19.66
N PRO B 46 8.33 36.28 -18.59
CA PRO B 46 9.65 35.68 -18.84
C PRO B 46 9.60 34.29 -19.50
N LEU B 47 8.69 33.42 -19.07
CA LEU B 47 8.54 32.07 -19.62
C LEU B 47 8.16 32.11 -21.10
N VAL B 48 7.21 32.97 -21.45
CA VAL B 48 6.78 33.12 -22.84
C VAL B 48 7.95 33.60 -23.71
N ALA B 49 8.67 34.61 -23.24
CA ALA B 49 9.84 35.15 -23.94
C ALA B 49 10.89 34.07 -24.20
N GLU B 50 11.20 33.28 -23.17
CA GLU B 50 12.17 32.20 -23.26
C GLU B 50 11.74 31.08 -24.20
N ILE B 51 10.47 30.69 -24.13
CA ILE B 51 9.94 29.63 -24.99
C ILE B 51 9.90 30.08 -26.47
N GLU B 52 9.42 31.31 -26.70
CA GLU B 52 9.28 31.87 -28.06
C GLU B 52 10.62 32.15 -28.75
N ALA B 53 11.63 32.57 -27.97
CA ALA B 53 12.97 32.80 -28.49
C ALA B 53 13.65 31.51 -28.93
N ALA B 54 13.30 30.40 -28.29
CA ALA B 54 13.80 29.09 -28.68
C ALA B 54 13.00 28.45 -29.80
N GLY B 55 11.98 29.13 -30.31
CA GLY B 55 11.21 28.63 -31.45
C GLY B 55 9.87 27.99 -31.13
N GLY B 56 9.49 27.98 -29.84
CA GLY B 56 8.26 27.31 -29.40
C GLY B 56 7.04 28.21 -29.33
N ARG B 57 5.87 27.58 -29.18
CA ARG B 57 4.59 28.28 -29.14
C ARG B 57 3.92 28.14 -27.77
N ILE B 58 3.47 29.26 -27.21
CA ILE B 58 2.85 29.28 -25.88
C ILE B 58 1.82 30.40 -25.77
N VAL B 59 0.67 30.10 -25.16
CA VAL B 59 -0.35 31.08 -24.80
C VAL B 59 -0.39 31.15 -23.28
N ALA B 60 -0.13 32.34 -22.73
CA ALA B 60 -0.17 32.57 -21.28
C ALA B 60 -1.51 33.16 -20.85
N ARG B 61 -2.11 32.58 -19.81
CA ARG B 61 -3.35 33.12 -19.24
C ARG B 61 -3.24 33.25 -17.72
N SER B 62 -4.03 34.18 -17.16
CA SER B 62 -4.25 34.25 -15.73
C SER B 62 -5.33 33.25 -15.43
N LEU B 63 -5.12 32.44 -14.40
CA LEU B 63 -6.06 31.37 -14.09
C LEU B 63 -6.05 31.07 -12.61
N ASP B 64 -7.22 31.18 -12.00
CA ASP B 64 -7.41 30.73 -10.64
C ASP B 64 -8.12 29.38 -10.69
N ALA B 65 -7.36 28.32 -10.46
CA ALA B 65 -7.82 26.95 -10.65
C ALA B 65 -8.92 26.51 -9.69
N ARG B 66 -9.09 27.23 -8.57
CA ARG B 66 -10.23 27.03 -7.69
C ARG B 66 -11.55 27.36 -8.38
N ASN B 67 -11.50 28.25 -9.36
CA ASN B 67 -12.68 28.72 -10.07
C ASN B 67 -13.00 27.80 -11.25
N GLU B 68 -14.05 27.00 -11.11
CA GLU B 68 -14.41 25.98 -12.10
C GLU B 68 -14.78 26.54 -13.47
N ASP B 69 -15.26 27.79 -13.48
CA ASP B 69 -15.66 28.46 -14.71
C ASP B 69 -14.41 28.87 -15.48
N GLU B 70 -13.40 29.33 -14.75
CA GLU B 70 -12.10 29.68 -15.31
C GLU B 70 -11.34 28.46 -15.82
N VAL B 71 -11.39 27.34 -15.09
CA VAL B 71 -10.76 26.09 -15.53
C VAL B 71 -11.39 25.60 -16.83
N THR B 72 -12.71 25.59 -16.86
CA THR B 72 -13.46 25.17 -18.04
C THR B 72 -13.15 26.07 -19.24
N ALA B 73 -13.06 27.38 -19.00
CA ALA B 73 -12.81 28.34 -20.09
C ALA B 73 -11.38 28.23 -20.58
N PHE B 74 -10.44 28.00 -19.67
CA PHE B 74 -9.04 27.74 -20.01
C PHE B 74 -8.85 26.50 -20.93
N LEU B 75 -9.54 25.41 -20.58
CA LEU B 75 -9.43 24.16 -21.33
C LEU B 75 -10.16 24.20 -22.66
N ASN B 76 -11.37 24.77 -22.66
CA ASN B 76 -12.12 25.03 -23.89
C ASN B 76 -11.31 25.90 -24.86
N ALA B 77 -10.68 26.96 -24.34
CA ALA B 77 -9.79 27.82 -25.13
C ALA B 77 -8.63 27.05 -25.73
N ALA B 78 -8.01 26.18 -24.93
CA ALA B 78 -6.88 25.37 -25.41
C ALA B 78 -7.31 24.43 -26.51
N ASP B 79 -8.42 23.73 -26.29
CA ASP B 79 -8.94 22.81 -27.30
C ASP B 79 -9.39 23.52 -28.60
N ALA B 80 -9.89 24.74 -28.47
CA ALA B 80 -10.36 25.51 -29.63
C ALA B 80 -9.18 25.93 -30.50
N HIS B 81 -8.05 26.24 -29.86
CA HIS B 81 -6.79 26.59 -30.53
C HIS B 81 -6.26 25.44 -31.43
N ALA B 82 -6.12 24.26 -30.82
CA ALA B 82 -5.71 23.03 -31.46
C ALA B 82 -6.13 21.91 -30.50
N PRO B 83 -6.44 20.71 -31.03
CA PRO B 83 -6.88 19.59 -30.17
C PRO B 83 -6.07 19.44 -28.90
N LEU B 84 -6.76 19.48 -27.77
CA LEU B 84 -6.15 19.30 -26.46
C LEU B 84 -5.69 17.85 -26.31
N GLU B 85 -4.38 17.64 -26.23
CA GLU B 85 -3.80 16.29 -26.15
C GLU B 85 -3.20 15.87 -24.81
N VAL B 86 -2.75 16.85 -24.03
CA VAL B 86 -2.18 16.58 -22.71
C VAL B 86 -2.64 17.67 -21.75
N THR B 87 -3.16 17.27 -20.58
CA THR B 87 -3.35 18.22 -19.47
C THR B 87 -2.41 17.82 -18.33
N ILE B 88 -1.64 18.76 -17.82
CA ILE B 88 -0.81 18.49 -16.65
C ILE B 88 -1.28 19.40 -15.54
N PHE B 89 -1.83 18.79 -14.49
CA PHE B 89 -2.32 19.51 -13.33
C PHE B 89 -1.26 19.55 -12.24
N ASN B 90 -0.73 20.73 -12.00
CA ASN B 90 0.43 20.92 -11.13
C ASN B 90 0.17 22.03 -10.14
N VAL B 91 -0.80 21.84 -9.26
CA VAL B 91 -1.15 22.85 -8.29
C VAL B 91 -0.86 22.30 -6.89
N GLY B 92 0.30 22.70 -6.36
CA GLY B 92 0.73 22.34 -5.02
C GLY B 92 0.00 23.15 -3.97
N ALA B 93 0.53 23.15 -2.75
CA ALA B 93 -0.10 23.79 -1.58
C ALA B 93 0.51 23.34 -0.24
N ASN B 94 1.80 23.00 -0.22
CA ASN B 94 2.37 22.41 1.00
C ASN B 94 2.27 23.34 2.20
N VAL B 95 1.38 22.99 3.13
CA VAL B 95 1.20 23.71 4.41
C VAL B 95 1.08 22.73 5.56
N ASN B 96 1.51 23.16 6.75
CA ASN B 96 1.50 22.31 7.92
C ASN B 96 0.92 23.08 9.10
N PHE B 97 -0.13 22.53 9.72
CA PHE B 97 -0.65 23.12 10.95
C PHE B 97 -1.07 21.98 11.84
N PRO B 98 -0.74 22.05 13.14
CA PRO B 98 -1.35 21.12 14.10
C PRO B 98 -2.87 21.08 13.94
N ILE B 99 -3.49 19.98 14.34
CA ILE B 99 -4.91 19.80 14.05
C ILE B 99 -5.81 20.94 14.61
N LEU B 100 -5.54 21.35 15.84
CA LEU B 100 -6.33 22.43 16.47
C LEU B 100 -6.07 23.80 15.84
N GLU B 101 -4.99 23.92 15.06
CA GLU B 101 -4.65 25.15 14.40
C GLU B 101 -4.93 25.06 12.90
N THR B 102 -5.69 24.05 12.51
CA THR B 102 -6.05 23.93 11.09
C THR B 102 -7.46 24.50 10.98
N THR B 103 -7.55 25.69 10.39
CA THR B 103 -8.79 26.47 10.41
C THR B 103 -9.76 25.94 9.36
N ASP B 104 -11.04 26.29 9.49
CA ASP B 104 -12.04 26.02 8.46
C ASP B 104 -11.58 26.55 7.10
N ARG B 105 -11.09 27.79 7.09
CA ARG B 105 -10.57 28.42 5.88
C ARG B 105 -9.44 27.63 5.21
N VAL B 106 -8.39 27.33 5.98
CA VAL B 106 -7.23 26.59 5.45
C VAL B 106 -7.62 25.23 4.84
N PHE B 107 -8.42 24.45 5.57
CA PHE B 107 -8.87 23.14 5.10
C PHE B 107 -9.68 23.25 3.79
N ARG B 108 -10.66 24.16 3.74
CA ARG B 108 -11.49 24.37 2.53
CA ARG B 108 -11.48 24.36 2.53
C ARG B 108 -10.66 24.84 1.34
N LYS B 109 -9.80 25.85 1.56
CA LYS B 109 -8.94 26.47 0.53
C LYS B 109 -7.95 25.48 -0.07
N VAL B 110 -7.32 24.66 0.80
CA VAL B 110 -6.38 23.64 0.32
C VAL B 110 -7.11 22.60 -0.53
N TRP B 111 -8.30 22.18 -0.10
CA TRP B 111 -9.11 21.31 -0.93
C TRP B 111 -9.52 21.94 -2.28
N GLU B 112 -9.95 23.20 -2.26
CA GLU B 112 -10.37 23.90 -3.50
C GLU B 112 -9.23 23.97 -4.51
N MET B 113 -8.04 24.25 -4.01
CA MET B 113 -6.86 24.46 -4.85
CA MET B 113 -6.84 24.44 -4.83
C MET B 113 -6.25 23.13 -5.32
N ALA B 114 -6.05 22.19 -4.40
CA ALA B 114 -5.29 20.95 -4.68
C ALA B 114 -6.09 19.72 -5.07
N CYS B 115 -7.40 19.75 -4.89
CA CYS B 115 -8.22 18.59 -5.12
C CYS B 115 -9.41 18.87 -6.06
N TRP B 116 -10.23 19.84 -5.66
CA TRP B 116 -11.39 20.32 -6.43
C TRP B 116 -10.93 20.78 -7.79
N ALA B 117 -9.89 21.60 -7.81
CA ALA B 117 -9.37 22.12 -9.07
C ALA B 117 -8.90 21.00 -10.00
N GLY B 118 -8.37 19.94 -9.41
CA GLY B 118 -7.91 18.78 -10.15
C GLY B 118 -9.05 17.98 -10.71
N PHE B 119 -10.10 17.83 -9.92
CA PHE B 119 -11.31 17.14 -10.39
C PHE B 119 -11.90 17.86 -11.60
N VAL B 120 -11.98 19.19 -11.54
CA VAL B 120 -12.62 19.94 -12.61
C VAL B 120 -11.76 19.91 -13.85
N SER B 121 -10.46 20.14 -13.68
CA SER B 121 -9.49 20.02 -14.77
C SER B 121 -9.51 18.65 -15.42
N GLY B 122 -9.63 17.61 -14.60
CA GLY B 122 -9.63 16.26 -15.11
C GLY B 122 -10.89 15.98 -15.92
N ARG B 123 -12.04 16.25 -15.31
CA ARG B 123 -13.35 16.03 -15.93
C ARG B 123 -13.51 16.79 -17.24
N GLU B 124 -13.14 18.06 -17.23
CA GLU B 124 -13.24 18.88 -18.43
C GLU B 124 -12.24 18.51 -19.51
N SER B 125 -11.01 18.12 -19.12
CA SER B 125 -10.05 17.57 -20.06
C SER B 125 -10.54 16.28 -20.72
N ALA B 126 -11.11 15.38 -19.91
CA ALA B 126 -11.71 14.15 -20.40
C ALA B 126 -12.83 14.42 -21.42
N ARG B 127 -13.71 15.38 -21.12
CA ARG B 127 -14.79 15.74 -22.04
C ARG B 127 -14.21 16.14 -23.39
N LEU B 128 -13.23 17.04 -23.38
CA LEU B 128 -12.61 17.50 -24.62
C LEU B 128 -11.84 16.41 -25.37
N MET B 129 -11.05 15.62 -24.63
CA MET B 129 -10.19 14.59 -25.23
C MET B 129 -10.96 13.41 -25.82
N LEU B 130 -12.04 13.01 -25.16
CA LEU B 130 -12.86 11.88 -25.63
C LEU B 130 -13.49 12.14 -27.01
N ALA B 131 -13.80 13.41 -27.28
CA ALA B 131 -14.25 13.83 -28.61
C ALA B 131 -13.19 13.60 -29.69
N HIS B 132 -11.91 13.67 -29.33
CA HIS B 132 -10.80 13.38 -30.24
C HIS B 132 -10.39 11.92 -30.20
N GLY B 133 -10.90 11.20 -29.19
CA GLY B 133 -10.65 9.76 -29.05
C GLY B 133 -9.32 9.37 -28.44
N GLN B 134 -8.58 10.34 -27.89
CA GLN B 134 -7.26 10.13 -27.31
C GLN B 134 -6.86 11.32 -26.43
N GLY B 135 -5.87 11.13 -25.56
CA GLY B 135 -5.35 12.18 -24.68
C GLY B 135 -4.60 11.62 -23.49
N LYS B 136 -3.93 12.53 -22.77
CA LYS B 136 -3.19 12.16 -21.55
CA LYS B 136 -3.18 12.18 -21.56
C LYS B 136 -3.49 13.20 -20.48
N ILE B 137 -3.82 12.72 -19.27
CA ILE B 137 -4.16 13.60 -18.15
C ILE B 137 -3.31 13.24 -16.96
N PHE B 138 -2.37 14.12 -16.64
CA PHE B 138 -1.36 13.85 -15.64
C PHE B 138 -1.59 14.75 -14.44
N PHE B 139 -1.44 14.17 -13.24
CA PHE B 139 -1.63 14.88 -11.99
C PHE B 139 -0.35 14.83 -11.17
N THR B 140 0.11 15.98 -10.67
CA THR B 140 1.28 16.00 -9.79
C THR B 140 0.91 15.72 -8.35
N GLY B 141 1.44 14.62 -7.82
CA GLY B 141 1.22 14.22 -6.43
C GLY B 141 2.42 14.50 -5.56
N ALA B 142 2.33 14.15 -4.27
CA ALA B 142 3.41 14.41 -3.31
C ALA B 142 3.43 13.20 -2.40
N THR B 143 4.37 13.14 -1.45
CA THR B 143 4.33 12.07 -0.46
C THR B 143 3.06 12.18 0.38
N ALA B 144 2.56 13.41 0.56
CA ALA B 144 1.31 13.64 1.27
C ALA B 144 0.12 13.05 0.49
N SER B 145 0.33 12.64 -0.77
CA SER B 145 -0.67 11.82 -1.49
C SER B 145 -0.82 10.41 -0.96
N LEU B 146 0.20 9.93 -0.24
CA LEU B 146 0.31 8.53 0.14
C LEU B 146 0.18 8.29 1.64
N ARG B 147 0.71 9.21 2.45
CA ARG B 147 0.59 9.12 3.92
C ARG B 147 0.42 10.50 4.54
N GLY B 148 -0.38 10.57 5.61
CA GLY B 148 -0.60 11.84 6.30
C GLY B 148 0.19 11.96 7.59
N GLY B 149 1.21 12.79 7.59
CA GLY B 149 2.01 13.01 8.80
C GLY B 149 1.40 14.03 9.74
N SER B 150 2.06 14.23 10.88
CA SER B 150 1.60 15.19 11.86
C SER B 150 1.65 16.61 11.30
N GLY B 151 0.51 17.29 11.36
CA GLY B 151 0.42 18.68 10.93
C GLY B 151 -0.12 18.76 9.51
N PHE B 152 -0.24 17.61 8.84
CA PHE B 152 -0.59 17.60 7.42
C PHE B 152 -2.05 17.28 7.08
N ALA B 153 -2.96 17.38 8.07
CA ALA B 153 -4.38 17.01 7.82
C ALA B 153 -5.03 17.71 6.63
N ALA B 154 -4.80 19.01 6.48
CA ALA B 154 -5.41 19.72 5.35
C ALA B 154 -4.78 19.36 4.01
N PHE B 155 -3.45 19.38 3.95
CA PHE B 155 -2.72 19.09 2.72
C PHE B 155 -2.84 17.63 2.25
N ALA B 156 -2.64 16.68 3.16
CA ALA B 156 -2.75 15.28 2.84
C ALA B 156 -4.20 14.94 2.44
N SER B 157 -5.18 15.57 3.07
CA SER B 157 -6.58 15.27 2.72
C SER B 157 -6.87 15.60 1.27
N ALA B 158 -6.40 16.77 0.84
CA ALA B 158 -6.56 17.20 -0.54
C ALA B 158 -5.71 16.37 -1.50
N LYS B 159 -4.47 16.01 -1.12
CA LYS B 159 -3.61 15.18 -2.00
C LYS B 159 -4.12 13.73 -2.17
N PHE B 160 -4.57 13.12 -1.07
CA PHE B 160 -5.23 11.80 -1.10
C PHE B 160 -6.45 11.91 -2.00
N GLY B 161 -7.22 12.98 -1.80
CA GLY B 161 -8.44 13.23 -2.59
C GLY B 161 -8.13 13.31 -4.07
N LEU B 162 -7.06 14.03 -4.42
CA LEU B 162 -6.62 14.09 -5.84
C LEU B 162 -6.22 12.70 -6.40
N ARG B 163 -5.51 11.92 -5.58
CA ARG B 163 -5.08 10.58 -5.97
C ARG B 163 -6.29 9.69 -6.29
N ALA B 164 -7.31 9.73 -5.42
CA ALA B 164 -8.55 8.97 -5.73
C ALA B 164 -9.22 9.38 -7.04
N VAL B 165 -9.22 10.67 -7.32
CA VAL B 165 -9.86 11.20 -8.52
C VAL B 165 -9.11 10.60 -9.72
N ALA B 166 -7.78 10.69 -9.66
CA ALA B 166 -6.89 10.09 -10.68
C ALA B 166 -7.14 8.60 -10.86
N GLN B 167 -7.20 7.82 -9.76
CA GLN B 167 -7.45 6.38 -9.82
C GLN B 167 -8.77 6.07 -10.49
N SER B 168 -9.83 6.74 -10.05
CA SER B 168 -11.17 6.55 -10.61
C SER B 168 -11.28 6.96 -12.08
N MET B 169 -10.56 8.01 -12.44
CA MET B 169 -10.59 8.45 -13.83
C MET B 169 -9.84 7.43 -14.65
N ALA B 170 -8.74 6.92 -14.12
CA ALA B 170 -7.93 5.91 -14.83
C ALA B 170 -8.71 4.61 -15.07
N ARG B 171 -9.41 4.11 -14.07
CA ARG B 171 -10.15 2.89 -14.22
C ARG B 171 -11.19 3.05 -15.34
N GLU B 172 -11.82 4.22 -15.43
CA GLU B 172 -12.85 4.51 -16.44
C GLU B 172 -12.29 4.81 -17.85
N LEU B 173 -11.20 5.56 -17.93
CA LEU B 173 -10.78 6.17 -19.19
C LEU B 173 -9.57 5.53 -19.86
N MET B 174 -8.75 4.79 -19.11
CA MET B 174 -7.65 4.06 -19.73
C MET B 174 -8.15 3.08 -20.83
N PRO B 175 -9.25 2.31 -20.59
CA PRO B 175 -9.77 1.53 -21.73
C PRO B 175 -10.38 2.36 -22.86
N LYS B 176 -10.54 3.66 -22.65
CA LYS B 176 -11.13 4.57 -23.64
CA LYS B 176 -11.13 4.55 -23.65
C LYS B 176 -10.06 5.47 -24.25
N ASN B 177 -8.81 5.03 -24.15
CA ASN B 177 -7.62 5.63 -24.81
C ASN B 177 -7.11 6.93 -24.19
N ILE B 178 -7.46 7.12 -22.92
CA ILE B 178 -6.87 8.22 -22.16
C ILE B 178 -5.88 7.71 -21.11
N HIS B 179 -4.62 8.08 -21.25
CA HIS B 179 -3.61 7.75 -20.27
C HIS B 179 -3.70 8.74 -19.11
N VAL B 180 -4.42 8.34 -18.07
CA VAL B 180 -4.45 9.11 -16.83
C VAL B 180 -3.25 8.65 -16.01
N ALA B 181 -2.47 9.60 -15.48
CA ALA B 181 -1.35 9.24 -14.63
C ALA B 181 -1.19 10.17 -13.43
N HIS B 182 -0.43 9.70 -12.45
CA HIS B 182 -0.22 10.42 -11.20
C HIS B 182 1.27 10.37 -10.86
N LEU B 183 1.96 11.50 -10.96
CA LEU B 183 3.38 11.53 -10.71
C LEU B 183 3.67 12.11 -9.34
N ILE B 184 4.27 11.30 -8.48
CA ILE B 184 4.52 11.64 -7.09
C ILE B 184 5.95 12.12 -6.92
N ILE B 185 6.11 13.33 -6.39
CA ILE B 185 7.44 13.91 -6.19
C ILE B 185 7.73 14.19 -4.71
N ASP B 186 9.00 14.22 -4.32
CA ASP B 186 9.44 14.75 -3.00
C ASP B 186 10.81 15.42 -3.02
N MET B 214 14.44 20.32 -7.87
CA MET B 214 14.73 18.89 -7.78
C MET B 214 16.02 18.38 -8.48
N PRO B 215 16.43 18.93 -9.66
CA PRO B 215 15.97 19.98 -10.57
C PRO B 215 14.56 19.81 -11.13
N PRO B 216 13.87 20.95 -11.34
CA PRO B 216 12.59 21.03 -11.98
C PRO B 216 12.60 20.44 -13.39
N ALA B 217 13.74 20.49 -14.08
CA ALA B 217 13.89 19.86 -15.39
C ALA B 217 13.72 18.33 -15.35
N ALA B 218 13.99 17.73 -14.19
CA ALA B 218 13.84 16.28 -14.02
C ALA B 218 12.38 15.83 -14.03
N VAL B 219 11.52 16.59 -13.35
CA VAL B 219 10.08 16.32 -13.31
C VAL B 219 9.46 16.42 -14.72
N ALA B 220 9.90 17.42 -15.49
CA ALA B 220 9.44 17.60 -16.85
C ALA B 220 9.83 16.40 -17.70
N GLY B 221 11.04 15.89 -17.48
CA GLY B 221 11.55 14.68 -18.12
C GLY B 221 10.70 13.47 -17.82
N ALA B 222 10.34 13.31 -16.54
CA ALA B 222 9.45 12.22 -16.08
C ALA B 222 8.05 12.30 -16.71
N TYR B 223 7.50 13.52 -16.79
CA TYR B 223 6.23 13.69 -17.47
C TYR B 223 6.34 13.37 -18.96
N TRP B 224 7.47 13.75 -19.56
CA TRP B 224 7.73 13.39 -20.96
C TRP B 224 7.86 11.86 -21.12
N GLN B 225 8.54 11.22 -20.18
CA GLN B 225 8.59 9.76 -20.15
C GLN B 225 7.18 9.13 -20.13
N LEU B 226 6.30 9.64 -19.25
CA LEU B 226 4.93 9.15 -19.19
C LEU B 226 4.20 9.42 -20.50
N TYR B 227 4.42 10.60 -21.08
CA TYR B 227 3.84 10.94 -22.37
C TYR B 227 4.22 9.90 -23.41
N GLN B 228 5.50 9.52 -23.43
CA GLN B 228 6.04 8.62 -24.46
C GLN B 228 5.59 7.15 -24.42
N GLN B 229 5.06 6.71 -23.28
CA GLN B 229 4.65 5.31 -23.10
C GLN B 229 3.55 4.88 -24.06
N PRO B 230 3.73 3.75 -24.75
CA PRO B 230 2.68 3.20 -25.63
C PRO B 230 1.57 2.53 -24.81
N LYS B 231 0.38 2.38 -25.38
CA LYS B 231 -0.78 1.87 -24.64
C LYS B 231 -0.72 0.39 -24.27
N SER B 232 0.29 -0.30 -24.78
CA SER B 232 0.54 -1.69 -24.38
C SER B 232 1.28 -1.73 -23.06
N ALA B 233 1.75 -0.58 -22.59
CA ALA B 233 2.54 -0.50 -21.37
C ALA B 233 2.44 0.84 -20.66
N TRP B 234 1.25 1.24 -20.23
CA TRP B 234 1.10 2.51 -19.51
C TRP B 234 1.27 2.29 -18.04
N THR B 235 1.89 3.28 -17.40
CA THR B 235 2.01 3.33 -15.94
C THR B 235 0.95 4.29 -15.43
N PHE B 236 0.21 3.92 -14.39
CA PHE B 236 -0.70 4.87 -13.75
C PHE B 236 0.06 5.78 -12.79
N GLU B 237 0.80 5.20 -11.85
CA GLU B 237 1.45 5.98 -10.81
C GLU B 237 2.94 5.72 -10.79
N MET B 238 3.71 6.77 -10.59
CA MET B 238 5.17 6.68 -10.63
C MET B 238 5.68 7.67 -9.58
N GLU B 239 6.71 7.26 -8.82
CA GLU B 239 7.31 8.17 -7.84
C GLU B 239 8.76 8.44 -8.17
N ILE B 240 9.17 9.71 -8.11
CA ILE B 240 10.54 10.11 -8.37
C ILE B 240 11.11 10.88 -7.19
N ARG B 241 12.42 10.79 -6.98
CA ARG B 241 13.15 11.65 -6.04
C ARG B 241 14.65 11.71 -6.41
N PRO B 242 15.35 12.81 -6.04
CA PRO B 242 16.79 12.93 -6.37
C PRO B 242 17.74 12.24 -5.37
N TYR B 243 18.95 11.90 -5.83
CA TYR B 243 19.95 11.24 -4.98
C TYR B 243 21.36 11.87 -5.06
N PRO C 5 28.25 1.24 -30.74
CA PRO C 5 29.25 1.77 -29.83
C PRO C 5 29.74 0.70 -28.86
N ARG C 6 29.01 0.47 -27.76
CA ARG C 6 29.37 0.90 -26.42
C ARG C 6 30.35 -0.07 -25.78
N ASN C 7 31.09 0.39 -24.80
CA ASN C 7 32.04 -0.47 -24.09
C ASN C 7 31.50 -0.84 -22.72
N ALA C 8 30.49 -1.70 -22.63
CA ALA C 8 30.00 -2.08 -21.35
C ALA C 8 29.04 -3.18 -21.62
N THR C 9 28.72 -3.91 -20.57
CA THR C 9 27.88 -5.10 -20.70
C THR C 9 26.54 -4.97 -19.99
N VAL C 10 25.56 -5.72 -20.52
CA VAL C 10 24.28 -5.94 -19.89
C VAL C 10 24.07 -7.43 -19.66
N ALA C 11 23.90 -7.82 -18.39
CA ALA C 11 23.57 -9.20 -18.06
C ALA C 11 22.05 -9.39 -18.02
N VAL C 12 21.53 -10.24 -18.90
CA VAL C 12 20.09 -10.54 -18.91
C VAL C 12 19.87 -11.97 -18.38
N ILE C 13 19.69 -12.06 -17.06
CA ILE C 13 19.51 -13.33 -16.39
C ILE C 13 18.05 -13.74 -16.48
N GLY C 14 17.76 -14.56 -17.49
CA GLY C 14 16.41 -14.98 -17.80
C GLY C 14 16.05 -14.58 -19.22
N ALA C 15 16.93 -14.93 -20.16
CA ALA C 15 16.74 -14.59 -21.57
C ALA C 15 16.02 -15.69 -22.34
N GLY C 16 15.47 -16.65 -21.61
CA GLY C 16 14.81 -17.80 -22.21
C GLY C 16 13.47 -17.54 -22.85
N ASP C 17 12.65 -16.70 -22.21
CA ASP C 17 11.32 -16.42 -22.74
C ASP C 17 11.31 -15.26 -23.74
N TYR C 18 10.10 -14.87 -24.14
CA TYR C 18 9.89 -13.83 -25.15
C TYR C 18 10.29 -12.44 -24.62
N ILE C 19 9.91 -12.17 -23.36
CA ILE C 19 10.26 -10.94 -22.66
C ILE C 19 11.78 -10.78 -22.59
N GLY C 20 12.47 -11.85 -22.18
CA GLY C 20 13.93 -11.84 -22.02
C GLY C 20 14.68 -11.66 -23.32
N ALA C 21 14.14 -12.25 -24.39
CA ALA C 21 14.71 -12.09 -25.72
C ALA C 21 14.64 -10.62 -26.15
N GLU C 22 13.44 -10.02 -26.01
CA GLU C 22 13.21 -8.64 -26.43
C GLU C 22 14.09 -7.63 -25.70
N ILE C 23 14.33 -7.88 -24.41
CA ILE C 23 15.23 -7.07 -23.60
C ILE C 23 16.66 -7.17 -24.13
N ALA C 24 17.07 -8.39 -24.48
CA ALA C 24 18.40 -8.64 -25.05
C ALA C 24 18.55 -7.92 -26.38
N LYS C 25 17.53 -8.07 -27.25
CA LYS C 25 17.44 -7.33 -28.51
C LYS C 25 17.55 -5.82 -28.33
N LYS C 26 16.80 -5.27 -27.38
CA LYS C 26 16.80 -3.83 -27.10
C LYS C 26 18.14 -3.29 -26.63
N PHE C 27 18.73 -3.95 -25.64
CA PHE C 27 19.97 -3.43 -25.07
C PHE C 27 21.18 -3.63 -25.98
N ALA C 28 21.09 -4.61 -26.89
CA ALA C 28 22.11 -4.81 -27.92
C ALA C 28 21.98 -3.75 -29.01
N ALA C 29 20.74 -3.49 -29.42
CA ALA C 29 20.42 -2.42 -30.38
C ALA C 29 20.94 -1.06 -29.93
N GLU C 30 21.09 -0.88 -28.62
CA GLU C 30 21.59 0.36 -28.06
C GLU C 30 23.08 0.32 -27.73
N GLY C 31 23.78 -0.65 -28.33
CA GLY C 31 25.24 -0.67 -28.30
C GLY C 31 25.95 -1.48 -27.23
N PHE C 32 25.19 -1.97 -26.25
CA PHE C 32 25.74 -2.83 -25.19
C PHE C 32 26.04 -4.23 -25.71
N THR C 33 27.07 -4.84 -25.13
CA THR C 33 27.33 -6.27 -25.34
C THR C 33 26.47 -7.03 -24.32
N VAL C 34 25.45 -7.70 -24.83
CA VAL C 34 24.50 -8.41 -23.98
C VAL C 34 25.00 -9.82 -23.62
N PHE C 35 25.21 -10.08 -22.34
CA PHE C 35 25.42 -11.44 -21.89
C PHE C 35 24.06 -12.03 -21.54
N ALA C 36 23.53 -12.88 -22.43
CA ALA C 36 22.24 -13.50 -22.21
C ALA C 36 22.41 -14.81 -21.44
N GLY C 37 21.46 -15.11 -20.56
CA GLY C 37 21.52 -16.34 -19.77
C GLY C 37 20.21 -17.07 -19.73
N ARG C 38 20.22 -18.36 -20.09
CA ARG C 38 19.05 -19.24 -19.89
C ARG C 38 19.50 -20.66 -19.48
N ARG C 39 18.55 -21.56 -19.21
CA ARG C 39 18.90 -22.92 -18.79
C ARG C 39 19.62 -23.69 -19.90
N ASN C 40 18.91 -23.93 -21.00
CA ASN C 40 19.47 -24.53 -22.20
C ASN C 40 20.08 -23.44 -23.09
N GLY C 41 21.35 -23.12 -22.84
CA GLY C 41 22.04 -22.00 -23.49
C GLY C 41 22.20 -22.09 -25.00
N GLU C 42 22.01 -23.27 -25.56
CA GLU C 42 22.10 -23.46 -27.01
C GLU C 42 20.77 -23.17 -27.72
N LYS C 43 19.72 -22.95 -26.93
CA LYS C 43 18.43 -22.49 -27.45
C LYS C 43 18.42 -20.97 -27.67
N LEU C 44 19.49 -20.31 -27.22
CA LEU C 44 19.70 -18.88 -27.47
C LEU C 44 20.19 -18.59 -28.89
N ALA C 45 20.51 -19.66 -29.64
CA ALA C 45 21.05 -19.56 -31.00
C ALA C 45 20.23 -18.76 -32.05
N PRO C 46 18.88 -18.95 -32.11
CA PRO C 46 18.13 -18.05 -32.99
C PRO C 46 18.14 -16.56 -32.57
N LEU C 47 18.20 -16.30 -31.27
CA LEU C 47 18.34 -14.95 -30.75
C LEU C 47 19.71 -14.35 -31.07
N VAL C 48 20.77 -15.15 -30.90
CA VAL C 48 22.14 -14.74 -31.20
C VAL C 48 22.33 -14.48 -32.70
N ALA C 49 21.62 -15.25 -33.52
CA ALA C 49 21.58 -15.06 -34.97
C ALA C 49 21.00 -13.68 -35.30
N GLU C 50 19.75 -13.46 -34.87
CA GLU C 50 19.01 -12.23 -35.15
C GLU C 50 19.72 -10.95 -34.68
N ILE C 51 20.37 -11.01 -33.51
CA ILE C 51 21.07 -9.87 -32.92
C ILE C 51 22.36 -9.54 -33.68
N GLU C 52 23.16 -10.56 -33.99
CA GLU C 52 24.42 -10.36 -34.69
C GLU C 52 24.22 -10.01 -36.16
N ALA C 53 23.12 -10.51 -36.74
CA ALA C 53 22.70 -10.14 -38.09
C ALA C 53 22.50 -8.63 -38.21
N ALA C 54 21.87 -8.03 -37.20
CA ALA C 54 21.66 -6.60 -37.14
C ALA C 54 22.87 -5.82 -36.57
N GLY C 55 23.99 -6.51 -36.36
CA GLY C 55 25.24 -5.86 -35.96
C GLY C 55 25.48 -5.76 -34.46
N GLY C 56 24.54 -6.29 -33.67
CA GLY C 56 24.65 -6.27 -32.21
C GLY C 56 25.55 -7.36 -31.63
N ARG C 57 26.09 -7.11 -30.44
CA ARG C 57 26.99 -8.05 -29.79
C ARG C 57 26.30 -8.81 -28.67
N ILE C 58 26.40 -10.14 -28.70
CA ILE C 58 25.79 -11.00 -27.68
C ILE C 58 26.66 -12.23 -27.32
N VAL C 59 26.83 -12.48 -26.02
CA VAL C 59 27.43 -13.71 -25.53
C VAL C 59 26.36 -14.59 -24.86
N ALA C 60 26.01 -15.69 -25.54
CA ALA C 60 25.03 -16.65 -25.02
C ALA C 60 25.69 -17.63 -24.05
N ARG C 61 25.01 -17.91 -22.94
CA ARG C 61 25.52 -18.87 -21.96
C ARG C 61 24.42 -19.71 -21.32
N SER C 62 24.74 -20.95 -20.97
CA SER C 62 23.86 -21.76 -20.16
C SER C 62 23.96 -21.27 -18.74
N LEU C 63 22.81 -21.18 -18.07
CA LEU C 63 22.75 -20.68 -16.70
C LEU C 63 21.55 -21.26 -15.97
N ASP C 64 21.84 -21.87 -14.82
CA ASP C 64 20.81 -22.21 -13.85
C ASP C 64 20.97 -21.19 -12.74
N ALA C 65 19.96 -20.33 -12.61
CA ALA C 65 20.05 -19.19 -11.73
C ALA C 65 20.05 -19.56 -10.25
N ARG C 66 19.41 -20.70 -9.92
CA ARG C 66 19.43 -21.27 -8.57
C ARG C 66 20.85 -21.51 -8.05
N ASN C 67 21.76 -21.86 -8.95
CA ASN C 67 23.15 -22.09 -8.59
CA ASN C 67 23.16 -22.10 -8.60
C ASN C 67 23.90 -20.78 -8.46
N GLU C 68 24.23 -20.43 -7.22
CA GLU C 68 24.95 -19.21 -6.88
C GLU C 68 26.34 -19.06 -7.48
N ASP C 69 27.00 -20.19 -7.77
CA ASP C 69 28.36 -20.17 -8.32
C ASP C 69 28.30 -19.88 -9.81
N GLU C 70 27.30 -20.47 -10.47
CA GLU C 70 27.01 -20.21 -11.88
C GLU C 70 26.68 -18.73 -12.17
N VAL C 71 25.80 -18.15 -11.33
CA VAL C 71 25.43 -16.73 -11.39
C VAL C 71 26.66 -15.84 -11.17
N THR C 72 27.43 -16.13 -10.13
CA THR C 72 28.66 -15.36 -9.84
C THR C 72 29.64 -15.41 -11.01
N ALA C 73 29.83 -16.59 -11.59
CA ALA C 73 30.72 -16.76 -12.73
C ALA C 73 30.20 -16.04 -13.97
N PHE C 74 28.89 -16.14 -14.20
CA PHE C 74 28.20 -15.46 -15.31
C PHE C 74 28.40 -13.95 -15.26
N LEU C 75 28.19 -13.39 -14.08
CA LEU C 75 28.31 -11.95 -13.89
C LEU C 75 29.77 -11.50 -13.96
N ASN C 76 30.68 -12.30 -13.41
CA ASN C 76 32.13 -12.07 -13.56
C ASN C 76 32.63 -12.15 -15.00
N ALA C 77 32.08 -13.11 -15.77
CA ALA C 77 32.37 -13.25 -17.21
C ALA C 77 31.94 -12.02 -18.01
N ALA C 78 30.75 -11.50 -17.67
CA ALA C 78 30.23 -10.29 -18.31
C ALA C 78 31.11 -9.09 -18.00
N ASP C 79 31.43 -8.89 -16.72
CA ASP C 79 32.23 -7.75 -16.29
C ASP C 79 33.66 -7.77 -16.82
N ALA C 80 34.24 -8.97 -16.93
CA ALA C 80 35.60 -9.15 -17.46
C ALA C 80 35.70 -8.76 -18.92
N HIS C 81 34.62 -8.97 -19.67
CA HIS C 81 34.54 -8.62 -21.08
C HIS C 81 34.48 -7.11 -21.29
N ALA C 82 33.61 -6.45 -20.53
CA ALA C 82 33.43 -5.00 -20.57
C ALA C 82 32.73 -4.62 -19.26
N PRO C 83 32.98 -3.42 -18.70
CA PRO C 83 32.34 -3.06 -17.42
C PRO C 83 30.82 -3.32 -17.39
N LEU C 84 30.38 -4.10 -16.40
CA LEU C 84 28.95 -4.43 -16.22
C LEU C 84 28.16 -3.20 -15.76
N GLU C 85 27.23 -2.75 -16.59
CA GLU C 85 26.46 -1.53 -16.29
C GLU C 85 25.01 -1.77 -15.91
N VAL C 86 24.41 -2.83 -16.44
CA VAL C 86 23.01 -3.15 -16.20
C VAL C 86 22.83 -4.65 -16.01
N THR C 87 22.21 -5.05 -14.91
CA THR C 87 21.74 -6.42 -14.75
C THR C 87 20.21 -6.38 -14.74
N ILE C 88 19.61 -7.22 -15.56
CA ILE C 88 18.16 -7.42 -15.52
C ILE C 88 17.88 -8.86 -15.12
N PHE C 89 17.35 -9.03 -13.91
CA PHE C 89 16.89 -10.33 -13.41
C PHE C 89 15.46 -10.57 -13.87
N ASN C 90 15.25 -11.62 -14.66
CA ASN C 90 13.95 -11.88 -15.25
C ASN C 90 13.58 -13.37 -15.15
N VAL C 91 13.27 -13.85 -13.95
CA VAL C 91 13.00 -15.30 -13.78
C VAL C 91 11.56 -15.68 -13.37
N GLY C 92 10.78 -15.98 -14.41
CA GLY C 92 9.44 -16.65 -14.40
C GLY C 92 8.75 -17.23 -13.18
N ALA C 93 8.61 -18.55 -13.17
CA ALA C 93 8.12 -19.37 -12.02
C ALA C 93 6.62 -19.34 -11.66
N ASN C 94 5.78 -18.79 -12.53
CA ASN C 94 4.32 -18.62 -12.27
C ASN C 94 3.55 -19.94 -12.09
N VAL C 95 3.33 -20.37 -10.84
CA VAL C 95 2.59 -21.62 -10.56
C VAL C 95 1.43 -21.41 -9.58
N ASN C 96 0.40 -22.23 -9.71
CA ASN C 96 -0.73 -22.17 -8.78
C ASN C 96 -1.08 -23.55 -8.24
N PHE C 97 -1.08 -23.68 -6.91
CA PHE C 97 -1.51 -24.89 -6.22
C PHE C 97 -2.25 -24.45 -4.95
N PRO C 98 -3.41 -25.06 -4.65
CA PRO C 98 -4.03 -24.90 -3.33
C PRO C 98 -3.05 -25.12 -2.19
N ILE C 99 -3.33 -24.56 -1.02
CA ILE C 99 -2.33 -24.58 0.06
C ILE C 99 -1.87 -26.02 0.40
N LEU C 100 -2.84 -26.94 0.50
CA LEU C 100 -2.59 -28.33 0.91
C LEU C 100 -1.87 -29.14 -0.17
N GLU C 101 -1.98 -28.70 -1.42
CA GLU C 101 -1.27 -29.28 -2.55
C GLU C 101 0.00 -28.55 -2.92
N THR C 102 0.43 -27.63 -2.07
CA THR C 102 1.70 -26.92 -2.30
C THR C 102 2.75 -27.72 -1.54
N THR C 103 3.60 -28.41 -2.30
CA THR C 103 4.50 -29.39 -1.74
C THR C 103 5.75 -28.69 -1.22
N ASP C 104 6.46 -29.35 -0.32
CA ASP C 104 7.76 -28.88 0.16
C ASP C 104 8.66 -28.54 -1.00
N ARG C 105 8.72 -29.42 -2.00
CA ARG C 105 9.60 -29.22 -3.13
C ARG C 105 9.21 -28.00 -3.97
N VAL C 106 7.91 -27.82 -4.24
CA VAL C 106 7.46 -26.68 -5.05
C VAL C 106 7.77 -25.33 -4.37
N PHE C 107 7.42 -25.24 -3.10
CA PHE C 107 7.66 -24.03 -2.32
C PHE C 107 9.13 -23.64 -2.29
N ARG C 108 9.98 -24.60 -1.96
CA ARG C 108 11.41 -24.37 -1.88
C ARG C 108 12.01 -24.07 -3.28
N LYS C 109 11.57 -24.79 -4.32
CA LYS C 109 12.09 -24.60 -5.70
C LYS C 109 11.70 -23.25 -6.30
N VAL C 110 10.44 -22.85 -6.14
CA VAL C 110 9.95 -21.52 -6.55
C VAL C 110 10.76 -20.40 -5.87
N TRP C 111 11.02 -20.52 -4.57
CA TRP C 111 11.87 -19.55 -3.86
C TRP C 111 13.27 -19.51 -4.45
N GLU C 112 13.80 -20.68 -4.81
CA GLU C 112 15.17 -20.76 -5.32
C GLU C 112 15.33 -20.06 -6.66
N MET C 113 14.39 -20.29 -7.59
CA MET C 113 14.39 -19.68 -8.93
CA MET C 113 14.42 -19.68 -8.92
C MET C 113 14.12 -18.18 -8.91
N ALA C 114 13.09 -17.79 -8.14
CA ALA C 114 12.49 -16.46 -8.21
C ALA C 114 12.91 -15.45 -7.13
N CYS C 115 13.40 -15.96 -6.00
CA CYS C 115 13.81 -15.05 -4.92
C CYS C 115 15.30 -15.17 -4.58
N TRP C 116 15.73 -16.38 -4.22
CA TRP C 116 17.15 -16.66 -3.90
C TRP C 116 18.08 -16.22 -5.05
N ALA C 117 17.74 -16.63 -6.26
CA ALA C 117 18.51 -16.32 -7.45
C ALA C 117 18.61 -14.83 -7.69
N GLY C 118 17.54 -14.10 -7.35
CA GLY C 118 17.47 -12.66 -7.54
C GLY C 118 18.36 -11.95 -6.58
N PHE C 119 18.37 -12.45 -5.35
CA PHE C 119 19.26 -11.95 -4.31
C PHE C 119 20.74 -12.11 -4.69
N VAL C 120 21.10 -13.29 -5.18
CA VAL C 120 22.49 -13.57 -5.62
C VAL C 120 22.88 -12.69 -6.82
N SER C 121 22.03 -12.71 -7.85
CA SER C 121 22.21 -11.86 -9.02
C SER C 121 22.36 -10.40 -8.61
N GLY C 122 21.61 -9.99 -7.61
CA GLY C 122 21.63 -8.62 -7.13
C GLY C 122 22.89 -8.27 -6.37
N ARG C 123 23.22 -9.08 -5.36
CA ARG C 123 24.40 -8.84 -4.52
C ARG C 123 25.71 -8.89 -5.32
N GLU C 124 25.78 -9.81 -6.29
CA GLU C 124 26.98 -9.94 -7.10
C GLU C 124 27.09 -8.83 -8.15
N SER C 125 25.97 -8.45 -8.77
CA SER C 125 25.94 -7.25 -9.62
C SER C 125 26.41 -6.03 -8.85
N ALA C 126 25.92 -5.86 -7.62
CA ALA C 126 26.33 -4.76 -6.75
C ALA C 126 27.83 -4.72 -6.49
N ARG C 127 28.43 -5.88 -6.21
CA ARG C 127 29.87 -5.98 -5.96
CA ARG C 127 29.87 -5.97 -5.95
C ARG C 127 30.67 -5.42 -7.13
N LEU C 128 30.31 -5.87 -8.34
CA LEU C 128 30.98 -5.49 -9.58
C LEU C 128 30.76 -4.04 -9.97
N MET C 129 29.51 -3.58 -9.87
CA MET C 129 29.13 -2.24 -10.27
C MET C 129 29.70 -1.16 -9.34
N LEU C 130 29.82 -1.47 -8.05
CA LEU C 130 30.38 -0.52 -7.08
C LEU C 130 31.87 -0.24 -7.30
N ALA C 131 32.57 -1.19 -7.92
CA ALA C 131 33.95 -0.99 -8.33
C ALA C 131 34.01 0.09 -9.41
N HIS C 132 33.10 0.03 -10.39
CA HIS C 132 32.99 1.07 -11.43
C HIS C 132 32.32 2.38 -10.96
N GLY C 133 31.79 2.38 -9.74
CA GLY C 133 31.14 3.56 -9.16
C GLY C 133 29.76 3.94 -9.71
N GLN C 134 29.13 3.04 -10.46
CA GLN C 134 27.83 3.29 -11.10
C GLN C 134 27.19 2.01 -11.61
N GLY C 135 25.91 2.07 -11.94
CA GLY C 135 25.23 0.93 -12.58
C GLY C 135 23.76 0.84 -12.27
N LYS C 136 23.07 -0.07 -12.93
CA LYS C 136 21.62 -0.23 -12.77
C LYS C 136 21.25 -1.71 -12.57
N ILE C 137 20.49 -2.02 -11.51
CA ILE C 137 20.04 -3.40 -11.26
C ILE C 137 18.52 -3.46 -11.26
N PHE C 138 17.94 -4.11 -12.28
CA PHE C 138 16.49 -4.16 -12.49
C PHE C 138 15.94 -5.55 -12.27
N PHE C 139 14.81 -5.64 -11.56
CA PHE C 139 14.14 -6.92 -11.26
C PHE C 139 12.75 -6.95 -11.85
N THR C 140 12.36 -8.05 -12.47
CA THR C 140 11.03 -8.18 -13.01
C THR C 140 10.08 -8.70 -11.94
N GLY C 141 9.02 -7.96 -11.67
CA GLY C 141 8.02 -8.35 -10.68
C GLY C 141 6.71 -8.67 -11.38
N ALA C 142 5.69 -9.00 -10.60
CA ALA C 142 4.39 -9.44 -11.12
C ALA C 142 3.36 -8.93 -10.14
N THR C 143 2.08 -9.10 -10.46
CA THR C 143 1.01 -8.75 -9.52
C THR C 143 1.21 -9.54 -8.22
N ALA C 144 1.77 -10.74 -8.34
CA ALA C 144 2.00 -11.62 -7.19
C ALA C 144 3.11 -11.11 -6.28
N SER C 145 3.88 -10.12 -6.75
CA SER C 145 4.80 -9.37 -5.89
C SER C 145 4.05 -8.44 -4.93
N LEU C 146 2.81 -8.09 -5.26
CA LEU C 146 2.02 -7.11 -4.50
C LEU C 146 0.91 -7.72 -3.66
N ARG C 147 0.24 -8.75 -4.18
CA ARG C 147 -0.78 -9.45 -3.39
C ARG C 147 -0.79 -10.96 -3.68
N GLY C 148 -0.96 -11.75 -2.63
CA GLY C 148 -1.08 -13.20 -2.78
C GLY C 148 -2.51 -13.68 -2.95
N GLY C 149 -2.84 -14.20 -4.12
CA GLY C 149 -4.19 -14.72 -4.37
C GLY C 149 -4.35 -16.17 -3.94
N SER C 150 -5.56 -16.71 -4.07
CA SER C 150 -5.79 -18.12 -3.74
C SER C 150 -4.98 -19.02 -4.65
N GLY C 151 -4.24 -19.95 -4.05
CA GLY C 151 -3.40 -20.89 -4.80
C GLY C 151 -1.98 -20.38 -5.04
N PHE C 152 -1.71 -19.13 -4.66
CA PHE C 152 -0.42 -18.53 -5.01
C PHE C 152 0.57 -18.43 -3.85
N ALA C 153 0.40 -19.26 -2.82
CA ALA C 153 1.34 -19.20 -1.68
C ALA C 153 2.81 -19.30 -2.08
N ALA C 154 3.17 -20.26 -2.93
CA ALA C 154 4.60 -20.47 -3.26
C ALA C 154 5.16 -19.32 -4.06
N PHE C 155 4.45 -18.99 -5.13
CA PHE C 155 4.86 -17.97 -6.07
C PHE C 155 4.81 -16.55 -5.45
N ALA C 156 3.69 -16.19 -4.82
CA ALA C 156 3.57 -14.87 -4.21
C ALA C 156 4.63 -14.71 -3.14
N SER C 157 4.89 -15.77 -2.36
CA SER C 157 5.92 -15.71 -1.31
C SER C 157 7.28 -15.36 -1.88
N ALA C 158 7.56 -15.91 -3.05
CA ALA C 158 8.86 -15.70 -3.67
C ALA C 158 8.95 -14.33 -4.31
N LYS C 159 7.88 -13.86 -4.94
CA LYS C 159 7.90 -12.51 -5.55
C LYS C 159 7.89 -11.39 -4.51
N PHE C 160 7.11 -11.57 -3.44
CA PHE C 160 7.17 -10.66 -2.31
C PHE C 160 8.58 -10.64 -1.81
N GLY C 161 9.20 -11.82 -1.71
CA GLY C 161 10.57 -11.94 -1.21
C GLY C 161 11.55 -11.16 -2.08
N LEU C 162 11.35 -11.25 -3.39
CA LEU C 162 12.20 -10.50 -4.32
C LEU C 162 12.00 -8.99 -4.22
N ARG C 163 10.77 -8.56 -3.93
CA ARG C 163 10.44 -7.15 -3.76
C ARG C 163 11.18 -6.54 -2.58
N ALA C 164 11.26 -7.29 -1.50
CA ALA C 164 11.94 -6.83 -0.29
C ALA C 164 13.44 -6.71 -0.49
N VAL C 165 13.99 -7.64 -1.29
CA VAL C 165 15.40 -7.64 -1.65
C VAL C 165 15.67 -6.38 -2.48
N ALA C 166 14.88 -6.19 -3.54
CA ALA C 166 14.94 -4.99 -4.37
C ALA C 166 14.84 -3.68 -3.56
N GLN C 167 13.92 -3.64 -2.58
CA GLN C 167 13.71 -2.46 -1.73
C GLN C 167 14.89 -2.14 -0.84
N SER C 168 15.38 -3.15 -0.12
CA SER C 168 16.55 -3.00 0.77
C SER C 168 17.82 -2.61 0.03
N MET C 169 18.00 -3.18 -1.15
CA MET C 169 19.14 -2.90 -1.99
C MET C 169 19.04 -1.45 -2.44
N ALA C 170 17.86 -1.05 -2.93
CA ALA C 170 17.61 0.35 -3.30
C ALA C 170 17.86 1.35 -2.18
N ARG C 171 17.42 1.05 -0.96
CA ARG C 171 17.63 1.95 0.17
C ARG C 171 19.11 2.17 0.45
N GLU C 172 19.91 1.13 0.22
CA GLU C 172 21.34 1.19 0.51
C GLU C 172 22.15 1.72 -0.67
N LEU C 173 21.78 1.30 -1.88
CA LEU C 173 22.64 1.52 -3.05
C LEU C 173 22.27 2.70 -3.94
N MET C 174 21.01 3.16 -3.91
CA MET C 174 20.67 4.37 -4.68
C MET C 174 21.51 5.61 -4.29
N PRO C 175 21.74 5.86 -2.97
CA PRO C 175 22.71 6.90 -2.58
C PRO C 175 24.17 6.66 -3.00
N LYS C 176 24.49 5.45 -3.44
CA LYS C 176 25.83 5.11 -3.90
C LYS C 176 25.86 4.97 -5.43
N ASN C 177 24.89 5.62 -6.08
CA ASN C 177 24.83 5.74 -7.54
C ASN C 177 24.52 4.44 -8.32
N ILE C 178 23.78 3.56 -7.69
CA ILE C 178 23.29 2.38 -8.39
C ILE C 178 21.77 2.46 -8.42
N HIS C 179 21.21 2.48 -9.62
CA HIS C 179 19.77 2.57 -9.77
C HIS C 179 19.13 1.18 -9.67
N VAL C 180 18.64 0.84 -8.48
CA VAL C 180 17.89 -0.41 -8.28
C VAL C 180 16.41 -0.17 -8.59
N ALA C 181 15.83 -1.03 -9.44
CA ALA C 181 14.44 -0.87 -9.81
C ALA C 181 13.69 -2.19 -9.91
N HIS C 182 12.38 -2.10 -9.75
CA HIS C 182 11.50 -3.25 -9.70
C HIS C 182 10.35 -2.99 -10.67
N LEU C 183 10.34 -3.68 -11.81
CA LEU C 183 9.33 -3.45 -12.82
C LEU C 183 8.24 -4.49 -12.72
N ILE C 184 7.06 -4.09 -12.25
CA ILE C 184 5.93 -5.00 -12.11
C ILE C 184 5.12 -5.09 -13.39
N ILE C 185 4.86 -6.31 -13.86
CA ILE C 185 4.08 -6.58 -15.07
C ILE C 185 2.76 -7.27 -14.73
N ASP C 186 1.64 -6.77 -15.28
CA ASP C 186 0.33 -7.45 -15.13
C ASP C 186 0.09 -8.39 -16.31
N MET C 214 0.74 -7.18 -23.55
CA MET C 214 2.11 -6.82 -23.93
C MET C 214 2.64 -7.78 -25.00
N PRO C 215 2.93 -7.23 -26.18
CA PRO C 215 4.30 -6.92 -26.57
C PRO C 215 5.29 -7.18 -25.44
N PRO C 216 5.97 -8.33 -25.50
CA PRO C 216 7.23 -8.50 -24.79
C PRO C 216 8.19 -7.37 -25.12
N ALA C 217 8.03 -6.80 -26.32
CA ALA C 217 8.74 -5.60 -26.76
C ALA C 217 8.43 -4.36 -25.90
N ALA C 218 7.17 -4.26 -25.46
CA ALA C 218 6.75 -3.16 -24.58
C ALA C 218 7.43 -3.20 -23.23
N VAL C 219 7.69 -4.41 -22.71
CA VAL C 219 8.48 -4.62 -21.48
C VAL C 219 9.92 -4.15 -21.64
N ALA C 220 10.51 -4.46 -22.80
CA ALA C 220 11.87 -4.07 -23.12
C ALA C 220 11.99 -2.56 -23.19
N GLY C 221 10.94 -1.91 -23.71
CA GLY C 221 10.86 -0.45 -23.80
C GLY C 221 10.81 0.20 -22.42
N ALA C 222 9.98 -0.38 -21.54
CA ALA C 222 9.85 0.07 -20.15
C ALA C 222 11.17 0.01 -19.40
N TYR C 223 11.93 -1.06 -19.61
CA TYR C 223 13.28 -1.18 -19.04
C TYR C 223 14.25 -0.14 -19.58
N TRP C 224 14.13 0.17 -20.87
CA TRP C 224 14.91 1.22 -21.50
C TRP C 224 14.57 2.59 -20.90
N GLN C 225 13.28 2.86 -20.68
CA GLN C 225 12.82 4.05 -19.93
C GLN C 225 13.51 4.18 -18.59
N LEU C 226 13.54 3.08 -17.82
CA LEU C 226 14.15 3.05 -16.50
C LEU C 226 15.66 3.27 -16.60
N TYR C 227 16.28 2.71 -17.64
CA TYR C 227 17.69 2.92 -17.89
C TYR C 227 18.02 4.40 -18.17
N GLN C 228 17.19 5.04 -19.00
CA GLN C 228 17.39 6.44 -19.40
C GLN C 228 17.23 7.47 -18.29
N GLN C 229 16.57 7.10 -17.19
CA GLN C 229 16.28 8.04 -16.10
C GLN C 229 17.57 8.60 -15.50
N PRO C 230 17.62 9.94 -15.36
CA PRO C 230 18.72 10.63 -14.67
C PRO C 230 18.56 10.51 -13.15
N LYS C 231 19.68 10.61 -12.43
CA LYS C 231 19.73 10.36 -10.98
C LYS C 231 18.80 11.26 -10.15
N SER C 232 18.41 12.39 -10.73
CA SER C 232 17.54 13.36 -10.05
C SER C 232 16.06 12.97 -10.12
N ALA C 233 15.74 12.01 -11.00
CA ALA C 233 14.41 11.45 -11.14
C ALA C 233 14.46 9.94 -11.41
N TRP C 234 14.98 9.19 -10.44
CA TRP C 234 14.98 7.72 -10.50
C TRP C 234 13.72 7.17 -9.84
N THR C 235 13.06 6.24 -10.52
CA THR C 235 11.93 5.52 -9.96
CA THR C 235 11.93 5.52 -9.95
C THR C 235 12.40 4.15 -9.49
N PHE C 236 12.10 3.83 -8.23
CA PHE C 236 12.32 2.47 -7.73
C PHE C 236 11.33 1.48 -8.35
N GLU C 237 10.04 1.72 -8.19
CA GLU C 237 9.01 0.75 -8.61
C GLU C 237 8.08 1.32 -9.66
N MET C 238 7.90 0.58 -10.74
CA MET C 238 7.03 1.00 -11.83
C MET C 238 6.22 -0.21 -12.27
N GLU C 239 4.92 0.01 -12.46
CA GLU C 239 4.02 -1.04 -12.85
C GLU C 239 3.43 -0.70 -14.21
N ILE C 240 3.49 -1.65 -15.14
CA ILE C 240 3.00 -1.44 -16.51
C ILE C 240 1.93 -2.47 -16.80
N ARG C 241 0.98 -2.12 -17.67
CA ARG C 241 -0.05 -3.04 -18.15
C ARG C 241 -0.72 -2.49 -19.44
N PRO C 242 -1.26 -3.39 -20.29
CA PRO C 242 -1.83 -3.00 -21.60
C PRO C 242 -3.31 -2.61 -21.57
N TYR C 243 -3.75 -1.86 -22.61
CA TYR C 243 -5.13 -1.31 -22.66
C TYR C 243 -5.81 -1.38 -24.03
N PRO D 5 -12.22 -25.24 31.31
CA PRO D 5 -11.46 -26.00 30.31
C PRO D 5 -12.21 -26.19 28.98
N ARG D 6 -11.44 -26.12 27.90
CA ARG D 6 -11.94 -26.40 26.56
C ARG D 6 -11.30 -27.68 26.09
N ASN D 7 -12.06 -28.48 25.33
CA ASN D 7 -11.47 -29.64 24.68
C ASN D 7 -10.84 -29.21 23.35
N ALA D 8 -9.71 -28.51 23.45
CA ALA D 8 -9.05 -27.90 22.31
C ALA D 8 -7.61 -27.53 22.65
N THR D 9 -6.74 -27.53 21.64
CA THR D 9 -5.35 -27.09 21.83
C THR D 9 -5.01 -25.81 21.08
N VAL D 10 -3.99 -25.12 21.56
CA VAL D 10 -3.42 -23.99 20.87
C VAL D 10 -1.94 -24.29 20.66
N ALA D 11 -1.47 -24.18 19.42
CA ALA D 11 -0.04 -24.35 19.16
C ALA D 11 0.67 -23.02 19.12
N VAL D 12 1.67 -22.87 19.99
CA VAL D 12 2.49 -21.66 19.97
C VAL D 12 3.85 -22.06 19.48
N ILE D 13 4.08 -21.78 18.20
CA ILE D 13 5.37 -22.05 17.57
C ILE D 13 6.26 -20.82 17.73
N GLY D 14 7.12 -20.88 18.75
CA GLY D 14 7.98 -19.77 19.09
C GLY D 14 7.59 -19.18 20.44
N ALA D 15 7.66 -20.00 21.48
CA ALA D 15 7.37 -19.55 22.84
C ALA D 15 8.63 -19.19 23.61
N GLY D 16 9.71 -18.88 22.89
CA GLY D 16 11.01 -18.62 23.48
C GLY D 16 11.09 -17.25 24.11
N ASP D 17 10.70 -16.23 23.35
CA ASP D 17 10.73 -14.85 23.84
C ASP D 17 9.58 -14.54 24.82
N TYR D 18 9.53 -13.29 25.26
CA TYR D 18 8.49 -12.85 26.20
C TYR D 18 7.11 -12.80 25.57
N ILE D 19 7.07 -12.38 24.29
CA ILE D 19 5.83 -12.35 23.51
C ILE D 19 5.23 -13.75 23.42
N GLY D 20 6.02 -14.70 22.95
CA GLY D 20 5.60 -16.10 22.83
C GLY D 20 5.14 -16.70 24.12
N ALA D 21 5.90 -16.46 25.19
CA ALA D 21 5.50 -16.88 26.54
C ALA D 21 4.15 -16.29 26.99
N GLU D 22 3.96 -14.99 26.72
CA GLU D 22 2.69 -14.31 27.04
C GLU D 22 1.49 -14.86 26.27
N ILE D 23 1.69 -15.15 24.98
CA ILE D 23 0.65 -15.76 24.16
C ILE D 23 0.25 -17.10 24.76
N ALA D 24 1.26 -17.90 25.16
CA ALA D 24 1.02 -19.19 25.82
C ALA D 24 0.21 -19.00 27.11
N LYS D 25 0.65 -18.07 27.96
CA LYS D 25 -0.06 -17.74 29.21
C LYS D 25 -1.52 -17.39 28.96
N LYS D 26 -1.74 -16.46 28.02
CA LYS D 26 -3.08 -15.96 27.69
C LYS D 26 -4.08 -17.04 27.24
N PHE D 27 -3.68 -17.87 26.28
CA PHE D 27 -4.58 -18.91 25.78
C PHE D 27 -4.77 -20.05 26.78
N ALA D 28 -3.77 -20.29 27.62
CA ALA D 28 -3.91 -21.24 28.72
C ALA D 28 -4.90 -20.71 29.75
N ALA D 29 -4.73 -19.43 30.12
CA ALA D 29 -5.64 -18.72 31.04
C ALA D 29 -7.09 -18.74 30.58
N GLU D 30 -7.30 -18.82 29.27
CA GLU D 30 -8.63 -18.96 28.68
C GLU D 30 -9.09 -20.41 28.49
N GLY D 31 -8.35 -21.37 29.04
CA GLY D 31 -8.78 -22.77 29.09
C GLY D 31 -8.41 -23.71 27.93
N PHE D 32 -7.49 -23.29 27.08
CA PHE D 32 -6.92 -24.16 26.05
C PHE D 32 -5.71 -24.90 26.62
N THR D 33 -5.51 -26.15 26.19
CA THR D 33 -4.26 -26.84 26.48
C THR D 33 -3.23 -26.30 25.48
N VAL D 34 -2.21 -25.63 25.96
CA VAL D 34 -1.25 -24.98 25.07
C VAL D 34 -0.08 -25.90 24.73
N PHE D 35 0.18 -26.12 23.44
CA PHE D 35 1.41 -26.75 23.03
C PHE D 35 2.38 -25.65 22.68
N ALA D 36 3.43 -25.53 23.49
CA ALA D 36 4.42 -24.49 23.32
C ALA D 36 5.72 -25.10 22.83
N GLY D 37 6.32 -24.47 21.82
CA GLY D 37 7.58 -24.96 21.27
C GLY D 37 8.60 -23.85 21.10
N ARG D 38 9.83 -24.14 21.52
CA ARG D 38 11.01 -23.30 21.25
C ARG D 38 12.20 -24.22 21.01
N ARG D 39 13.33 -23.68 20.55
CA ARG D 39 14.52 -24.49 20.25
C ARG D 39 14.96 -25.35 21.45
N ASN D 40 15.43 -24.67 22.50
CA ASN D 40 15.77 -25.33 23.76
C ASN D 40 14.54 -25.45 24.67
N GLY D 41 13.79 -26.54 24.51
CA GLY D 41 12.52 -26.73 25.23
C GLY D 41 12.59 -26.93 26.74
N GLU D 42 13.79 -27.12 27.27
CA GLU D 42 13.98 -27.21 28.73
C GLU D 42 13.75 -25.85 29.36
N LYS D 43 14.10 -24.80 28.61
CA LYS D 43 13.95 -23.42 29.05
C LYS D 43 12.48 -22.96 29.15
N LEU D 44 11.55 -23.83 28.76
CA LEU D 44 10.12 -23.60 28.92
C LEU D 44 9.62 -23.95 30.30
N ALA D 45 10.45 -24.63 31.11
CA ALA D 45 10.06 -25.07 32.45
C ALA D 45 9.60 -23.97 33.44
N PRO D 46 10.28 -22.78 33.47
CA PRO D 46 9.69 -21.66 34.21
C PRO D 46 8.25 -21.35 33.81
N LEU D 47 8.00 -21.24 32.50
CA LEU D 47 6.67 -20.95 31.95
C LEU D 47 5.62 -22.03 32.30
N VAL D 48 6.00 -23.29 32.13
CA VAL D 48 5.14 -24.43 32.48
C VAL D 48 4.69 -24.39 33.95
N ALA D 49 5.65 -24.15 34.86
CA ALA D 49 5.38 -24.13 36.29
C ALA D 49 4.38 -23.04 36.66
N GLU D 50 4.59 -21.86 36.10
CA GLU D 50 3.74 -20.69 36.31
C GLU D 50 2.33 -20.89 35.79
N ILE D 51 2.22 -21.46 34.58
CA ILE D 51 0.92 -21.73 33.95
C ILE D 51 0.15 -22.84 34.68
N GLU D 52 0.88 -23.87 35.11
CA GLU D 52 0.26 -25.01 35.80
C GLU D 52 -0.07 -24.73 37.26
N ALA D 53 0.73 -23.86 37.89
CA ALA D 53 0.41 -23.34 39.22
C ALA D 53 -0.81 -22.42 39.20
N ALA D 54 -1.05 -21.78 38.05
CA ALA D 54 -2.25 -21.00 37.83
C ALA D 54 -3.46 -21.87 37.45
N GLY D 55 -3.25 -23.18 37.32
CA GLY D 55 -4.33 -24.12 37.02
C GLY D 55 -4.54 -24.41 35.55
N GLY D 56 -3.61 -23.96 34.71
CA GLY D 56 -3.71 -24.14 33.26
C GLY D 56 -2.90 -25.31 32.72
N ARG D 57 -3.24 -25.74 31.50
CA ARG D 57 -2.58 -26.88 30.85
C ARG D 57 -1.62 -26.45 29.72
N ILE D 58 -0.40 -26.97 29.79
CA ILE D 58 0.65 -26.70 28.80
C ILE D 58 1.52 -27.94 28.55
N VAL D 59 1.79 -28.25 27.28
CA VAL D 59 2.74 -29.29 26.90
C VAL D 59 3.93 -28.60 26.24
N ALA D 60 5.08 -28.64 26.90
CA ALA D 60 6.29 -28.00 26.39
C ALA D 60 7.10 -29.00 25.56
N ARG D 61 7.59 -28.56 24.41
CA ARG D 61 8.42 -29.40 23.53
C ARG D 61 9.57 -28.59 22.97
N SER D 62 10.72 -29.26 22.75
CA SER D 62 11.80 -28.67 21.97
C SER D 62 11.38 -28.72 20.50
N LEU D 63 11.70 -27.69 19.75
CA LEU D 63 11.27 -27.61 18.36
C LEU D 63 12.16 -26.63 17.60
N ASP D 64 12.82 -27.13 16.56
CA ASP D 64 13.48 -26.27 15.61
C ASP D 64 12.48 -26.13 14.47
N ALA D 65 11.99 -24.92 14.27
CA ALA D 65 10.89 -24.66 13.35
C ALA D 65 11.33 -24.76 11.90
N ARG D 66 12.63 -24.61 11.66
CA ARG D 66 13.22 -24.77 10.32
C ARG D 66 12.99 -26.18 9.78
N ASN D 67 12.86 -27.13 10.70
CA ASN D 67 12.65 -28.51 10.39
C ASN D 67 11.17 -28.82 10.19
N GLU D 68 10.80 -29.03 8.93
CA GLU D 68 9.42 -29.31 8.58
C GLU D 68 8.83 -30.58 9.18
N ASP D 69 9.68 -31.57 9.46
CA ASP D 69 9.23 -32.84 10.05
C ASP D 69 8.83 -32.60 11.51
N GLU D 70 9.67 -31.87 12.24
CA GLU D 70 9.39 -31.52 13.63
C GLU D 70 8.13 -30.66 13.78
N VAL D 71 7.95 -29.68 12.88
CA VAL D 71 6.77 -28.82 12.90
C VAL D 71 5.52 -29.68 12.70
N THR D 72 5.54 -30.53 11.68
CA THR D 72 4.44 -31.45 11.41
C THR D 72 4.14 -32.36 12.60
N ALA D 73 5.19 -32.91 13.22
CA ALA D 73 5.05 -33.78 14.40
C ALA D 73 4.48 -33.02 15.59
N PHE D 74 4.98 -31.80 15.83
CA PHE D 74 4.52 -30.89 16.90
C PHE D 74 3.02 -30.65 16.76
N LEU D 75 2.60 -30.26 15.55
CA LEU D 75 1.21 -29.94 15.26
C LEU D 75 0.28 -31.16 15.27
N ASN D 76 0.75 -32.28 14.73
CA ASN D 76 0.01 -33.52 14.81
C ASN D 76 -0.21 -33.97 16.27
N ALA D 77 0.80 -33.78 17.11
CA ALA D 77 0.74 -34.17 18.52
C ALA D 77 -0.30 -33.36 19.26
N ALA D 78 -0.26 -32.04 19.04
CA ALA D 78 -1.25 -31.10 19.60
C ALA D 78 -2.66 -31.54 19.22
N ASP D 79 -2.88 -31.80 17.95
CA ASP D 79 -4.21 -32.23 17.51
C ASP D 79 -4.64 -33.60 18.03
N ALA D 80 -3.68 -34.46 18.35
CA ALA D 80 -4.01 -35.77 18.91
C ALA D 80 -4.43 -35.68 20.38
N HIS D 81 -3.86 -34.73 21.10
CA HIS D 81 -4.22 -34.45 22.49
C HIS D 81 -5.64 -33.90 22.62
N ALA D 82 -5.97 -32.89 21.81
CA ALA D 82 -7.32 -32.30 21.69
C ALA D 82 -7.36 -31.50 20.38
N PRO D 83 -8.53 -31.35 19.73
CA PRO D 83 -8.60 -30.67 18.43
C PRO D 83 -7.87 -29.32 18.38
N LEU D 84 -7.02 -29.16 17.36
CA LEU D 84 -6.20 -27.97 17.20
C LEU D 84 -7.09 -26.89 16.67
N GLU D 85 -7.21 -25.83 17.44
CA GLU D 85 -8.11 -24.74 17.08
C GLU D 85 -7.41 -23.45 16.71
N VAL D 86 -6.22 -23.23 17.27
CA VAL D 86 -5.47 -22.01 17.01
C VAL D 86 -4.00 -22.36 16.86
N THR D 87 -3.37 -21.85 15.81
CA THR D 87 -1.89 -21.84 15.74
C THR D 87 -1.38 -20.41 15.69
N ILE D 88 -0.38 -20.11 16.52
CA ILE D 88 0.28 -18.84 16.45
C ILE D 88 1.72 -19.10 16.09
N PHE D 89 2.12 -18.63 14.92
CA PHE D 89 3.49 -18.71 14.46
C PHE D 89 4.23 -17.41 14.84
N ASN D 90 5.26 -17.56 15.66
CA ASN D 90 5.92 -16.42 16.27
C ASN D 90 7.43 -16.62 16.23
N VAL D 91 7.97 -16.70 15.02
CA VAL D 91 9.39 -16.96 14.87
C VAL D 91 10.03 -15.79 14.17
N GLY D 92 10.73 -14.98 14.97
CA GLY D 92 11.43 -13.80 14.47
C GLY D 92 12.83 -14.18 14.04
N ALA D 93 13.59 -13.19 13.59
CA ALA D 93 14.97 -13.39 13.14
C ALA D 93 15.60 -12.06 12.76
N ASN D 94 15.37 -11.01 13.56
CA ASN D 94 15.81 -9.66 13.20
C ASN D 94 17.33 -9.57 13.03
N VAL D 95 17.79 -9.46 11.78
CA VAL D 95 19.22 -9.27 11.51
C VAL D 95 19.42 -8.12 10.52
N ASN D 96 20.57 -7.46 10.62
CA ASN D 96 20.93 -6.40 9.67
C ASN D 96 22.34 -6.58 9.11
N PHE D 97 22.44 -6.65 7.78
CA PHE D 97 23.74 -6.70 7.08
C PHE D 97 23.63 -5.89 5.79
N PRO D 98 24.62 -5.02 5.51
CA PRO D 98 24.72 -4.44 4.17
C PRO D 98 24.67 -5.55 3.14
N ILE D 99 24.22 -5.25 1.92
CA ILE D 99 23.96 -6.29 0.94
C ILE D 99 25.20 -7.14 0.63
N LEU D 100 26.37 -6.52 0.64
CA LEU D 100 27.62 -7.21 0.32
C LEU D 100 28.06 -8.12 1.46
N GLU D 101 27.65 -7.77 2.67
CA GLU D 101 27.91 -8.54 3.88
C GLU D 101 26.76 -9.46 4.27
N THR D 102 25.82 -9.67 3.35
CA THR D 102 24.75 -10.65 3.55
C THR D 102 25.17 -11.94 2.87
N THR D 103 25.59 -12.91 3.68
CA THR D 103 26.11 -14.19 3.17
C THR D 103 24.98 -15.12 2.72
N ASP D 104 25.32 -16.10 1.87
CA ASP D 104 24.40 -17.14 1.43
C ASP D 104 23.75 -17.86 2.60
N ARG D 105 24.56 -18.16 3.62
CA ARG D 105 24.15 -18.82 4.85
C ARG D 105 23.09 -18.01 5.59
N VAL D 106 23.32 -16.71 5.75
CA VAL D 106 22.40 -15.85 6.53
C VAL D 106 21.06 -15.74 5.80
N PHE D 107 21.12 -15.47 4.50
CA PHE D 107 19.92 -15.34 3.67
C PHE D 107 19.06 -16.59 3.69
N ARG D 108 19.70 -17.75 3.53
CA ARG D 108 19.00 -19.04 3.54
C ARG D 108 18.41 -19.32 4.92
N LYS D 109 19.21 -19.07 5.96
CA LYS D 109 18.83 -19.36 7.35
C LYS D 109 17.60 -18.55 7.79
N VAL D 110 17.61 -17.25 7.46
CA VAL D 110 16.52 -16.33 7.81
C VAL D 110 15.21 -16.75 7.12
N TRP D 111 15.31 -17.11 5.85
CA TRP D 111 14.16 -17.67 5.11
C TRP D 111 13.62 -18.94 5.75
N GLU D 112 14.53 -19.82 6.18
CA GLU D 112 14.13 -21.10 6.78
C GLU D 112 13.43 -20.90 8.11
N MET D 113 13.95 -19.95 8.89
CA MET D 113 13.42 -19.62 10.21
C MET D 113 12.10 -18.87 10.12
N ALA D 114 12.05 -17.84 9.26
CA ALA D 114 10.95 -16.87 9.30
C ALA D 114 9.89 -16.99 8.22
N CYS D 115 10.18 -17.72 7.15
CA CYS D 115 9.24 -17.85 6.05
C CYS D 115 8.83 -19.31 5.79
N TRP D 116 9.82 -20.14 5.44
CA TRP D 116 9.67 -21.58 5.20
C TRP D 116 8.92 -22.23 6.35
N ALA D 117 9.40 -21.97 7.56
CA ALA D 117 8.79 -22.51 8.78
C ALA D 117 7.33 -22.12 8.95
N GLY D 118 6.96 -20.92 8.52
CA GLY D 118 5.62 -20.40 8.70
C GLY D 118 4.70 -21.02 7.70
N PHE D 119 5.21 -21.16 6.47
CA PHE D 119 4.51 -21.89 5.43
C PHE D 119 4.13 -23.32 5.85
N VAL D 120 5.09 -24.05 6.40
CA VAL D 120 4.87 -25.43 6.84
C VAL D 120 3.90 -25.44 8.03
N SER D 121 4.14 -24.57 9.03
CA SER D 121 3.21 -24.42 10.17
C SER D 121 1.78 -24.07 9.72
N GLY D 122 1.67 -23.22 8.69
CA GLY D 122 0.37 -22.81 8.18
C GLY D 122 -0.34 -23.92 7.43
N ARG D 123 0.39 -24.57 6.50
CA ARG D 123 -0.17 -25.65 5.70
CA ARG D 123 -0.15 -25.67 5.69
C ARG D 123 -0.63 -26.83 6.56
N GLU D 124 0.21 -27.24 7.51
CA GLU D 124 -0.09 -28.41 8.32
C GLU D 124 -1.22 -28.14 9.33
N SER D 125 -1.26 -26.92 9.89
CA SER D 125 -2.41 -26.46 10.69
C SER D 125 -3.69 -26.50 9.88
N ALA D 126 -3.64 -25.99 8.66
CA ALA D 126 -4.82 -25.97 7.81
C ALA D 126 -5.35 -27.40 7.59
N ARG D 127 -4.42 -28.34 7.35
CA ARG D 127 -4.78 -29.76 7.15
CA ARG D 127 -4.77 -29.76 7.15
C ARG D 127 -5.54 -30.31 8.35
N LEU D 128 -5.00 -30.07 9.54
CA LEU D 128 -5.65 -30.52 10.78
C LEU D 128 -6.98 -29.80 11.08
N MET D 129 -7.04 -28.50 10.79
CA MET D 129 -8.20 -27.67 11.14
C MET D 129 -9.37 -27.91 10.22
N LEU D 130 -9.09 -28.10 8.92
CA LEU D 130 -10.15 -28.31 7.94
C LEU D 130 -10.92 -29.62 8.14
N ALA D 131 -10.25 -30.60 8.76
CA ALA D 131 -10.87 -31.85 9.20
C ALA D 131 -11.85 -31.61 10.35
N HIS D 132 -11.56 -30.62 11.19
CA HIS D 132 -12.48 -30.19 12.25
C HIS D 132 -13.51 -29.18 11.77
N GLY D 133 -13.28 -28.55 10.62
CA GLY D 133 -14.23 -27.61 10.04
C GLY D 133 -14.14 -26.17 10.53
N GLN D 134 -13.11 -25.88 11.33
CA GLN D 134 -12.89 -24.54 11.90
C GLN D 134 -11.47 -24.40 12.44
N GLY D 135 -11.01 -23.17 12.61
CA GLY D 135 -9.68 -22.95 13.15
C GLY D 135 -9.17 -21.55 12.91
N LYS D 136 -8.06 -21.19 13.56
CA LYS D 136 -7.48 -19.86 13.39
CA LYS D 136 -7.47 -19.87 13.41
C LYS D 136 -5.95 -20.02 13.25
N ILE D 137 -5.37 -19.34 12.26
CA ILE D 137 -3.91 -19.43 12.02
C ILE D 137 -3.32 -18.03 12.02
N PHE D 138 -2.48 -17.72 13.00
CA PHE D 138 -2.08 -16.34 13.20
C PHE D 138 -0.57 -16.27 13.03
N PHE D 139 -0.13 -15.31 12.23
CA PHE D 139 1.30 -15.12 12.02
C PHE D 139 1.76 -13.77 12.57
N THR D 140 2.93 -13.76 13.21
CA THR D 140 3.53 -12.53 13.68
C THR D 140 4.35 -11.87 12.60
N GLY D 141 3.94 -10.65 12.24
CA GLY D 141 4.70 -9.81 11.34
C GLY D 141 5.54 -8.78 12.07
N ALA D 142 6.21 -7.97 11.27
CA ALA D 142 7.09 -6.89 11.73
C ALA D 142 6.98 -5.77 10.69
N THR D 143 7.66 -4.64 10.90
CA THR D 143 7.69 -3.58 9.88
C THR D 143 8.45 -4.03 8.65
N ALA D 144 9.36 -4.99 8.84
CA ALA D 144 10.07 -5.60 7.70
C ALA D 144 9.21 -6.47 6.78
N SER D 145 8.00 -6.86 7.22
CA SER D 145 6.97 -7.48 6.35
C SER D 145 6.37 -6.50 5.34
N LEU D 146 6.53 -5.20 5.60
CA LEU D 146 5.90 -4.12 4.84
C LEU D 146 6.86 -3.31 4.00
N ARG D 147 8.07 -3.09 4.49
CA ARG D 147 9.03 -2.33 3.71
C ARG D 147 10.43 -2.81 4.00
N GLY D 148 11.28 -2.82 2.99
CA GLY D 148 12.64 -3.27 3.17
C GLY D 148 13.59 -2.11 3.32
N GLY D 149 14.14 -1.95 4.52
CA GLY D 149 15.13 -0.91 4.76
C GLY D 149 16.54 -1.37 4.47
N SER D 150 17.47 -0.42 4.53
CA SER D 150 18.89 -0.68 4.30
C SER D 150 19.43 -1.67 5.32
N GLY D 151 20.06 -2.73 4.81
CA GLY D 151 20.59 -3.80 5.66
C GLY D 151 19.65 -4.96 5.92
N PHE D 152 18.40 -4.83 5.50
CA PHE D 152 17.36 -5.80 5.86
C PHE D 152 16.92 -6.72 4.72
N ALA D 153 17.72 -6.84 3.66
CA ALA D 153 17.43 -7.72 2.53
C ALA D 153 17.10 -9.15 2.94
N ALA D 154 17.92 -9.73 3.82
CA ALA D 154 17.67 -11.08 4.29
C ALA D 154 16.37 -11.16 5.11
N PHE D 155 16.26 -10.30 6.12
CA PHE D 155 15.12 -10.29 7.04
C PHE D 155 13.80 -9.86 6.37
N ALA D 156 13.81 -8.74 5.67
CA ALA D 156 12.60 -8.28 4.97
C ALA D 156 12.16 -9.29 3.93
N SER D 157 13.11 -9.94 3.24
CA SER D 157 12.75 -10.98 2.27
C SER D 157 11.92 -12.08 2.90
N ALA D 158 12.37 -12.59 4.04
CA ALA D 158 11.64 -13.63 4.75
C ALA D 158 10.28 -13.14 5.26
N LYS D 159 10.24 -11.92 5.82
CA LYS D 159 8.97 -11.39 6.34
C LYS D 159 7.96 -11.03 5.23
N PHE D 160 8.43 -10.45 4.13
CA PHE D 160 7.54 -10.26 2.95
C PHE D 160 7.02 -11.64 2.52
N GLY D 161 7.94 -12.59 2.39
CA GLY D 161 7.64 -13.99 2.12
C GLY D 161 6.52 -14.56 2.98
N LEU D 162 6.61 -14.38 4.30
CA LEU D 162 5.58 -14.88 5.19
C LEU D 162 4.21 -14.19 4.99
N ARG D 163 4.26 -12.88 4.73
CA ARG D 163 3.05 -12.06 4.53
C ARG D 163 2.28 -12.57 3.33
N ALA D 164 2.99 -12.87 2.26
CA ALA D 164 2.38 -13.43 1.06
C ALA D 164 1.73 -14.80 1.27
N VAL D 165 2.37 -15.64 2.07
CA VAL D 165 1.83 -16.95 2.46
C VAL D 165 0.52 -16.73 3.19
N ALA D 166 0.55 -15.84 4.18
CA ALA D 166 -0.65 -15.51 4.96
C ALA D 166 -1.80 -15.00 4.09
N GLN D 167 -1.49 -14.13 3.13
CA GLN D 167 -2.48 -13.59 2.18
C GLN D 167 -3.14 -14.68 1.35
N SER D 168 -2.32 -15.51 0.70
CA SER D 168 -2.83 -16.59 -0.16
C SER D 168 -3.63 -17.59 0.64
N MET D 169 -3.16 -17.91 1.84
CA MET D 169 -3.89 -18.81 2.74
C MET D 169 -5.26 -18.23 3.09
N ALA D 170 -5.29 -16.94 3.46
CA ALA D 170 -6.52 -16.23 3.84
C ALA D 170 -7.50 -16.20 2.69
N ARG D 171 -7.01 -15.92 1.47
CA ARG D 171 -7.89 -15.90 0.30
C ARG D 171 -8.59 -17.24 0.09
N GLU D 172 -7.83 -18.33 0.25
CA GLU D 172 -8.34 -19.69 0.12
C GLU D 172 -9.20 -20.20 1.30
N LEU D 173 -8.74 -19.93 2.52
CA LEU D 173 -9.28 -20.61 3.70
C LEU D 173 -10.27 -19.81 4.56
N MET D 174 -10.27 -18.49 4.44
CA MET D 174 -11.33 -17.69 5.11
C MET D 174 -12.75 -18.10 4.66
N PRO D 175 -12.97 -18.31 3.34
CA PRO D 175 -14.26 -18.89 2.94
C PRO D 175 -14.53 -20.34 3.40
N LYS D 176 -13.57 -20.95 4.09
CA LYS D 176 -13.67 -22.33 4.55
C LYS D 176 -13.60 -22.37 6.07
N ASN D 177 -13.97 -21.25 6.69
CA ASN D 177 -14.13 -21.12 8.13
C ASN D 177 -12.80 -21.19 8.90
N ILE D 178 -11.72 -20.81 8.23
CA ILE D 178 -10.44 -20.69 8.91
C ILE D 178 -10.02 -19.23 8.94
N HIS D 179 -9.82 -18.69 10.15
CA HIS D 179 -9.46 -17.28 10.26
C HIS D 179 -7.95 -17.15 10.21
N VAL D 180 -7.46 -16.84 9.03
CA VAL D 180 -6.04 -16.53 8.90
C VAL D 180 -5.80 -15.05 9.20
N ALA D 181 -4.81 -14.72 10.03
CA ALA D 181 -4.52 -13.33 10.32
C ALA D 181 -3.03 -13.07 10.42
N HIS D 182 -2.67 -11.81 10.27
CA HIS D 182 -1.28 -11.42 10.25
C HIS D 182 -1.14 -10.18 11.13
N LEU D 183 -0.53 -10.35 12.30
CA LEU D 183 -0.41 -9.29 13.28
C LEU D 183 0.97 -8.67 13.19
N ILE D 184 1.03 -7.43 12.72
CA ILE D 184 2.30 -6.73 12.58
C ILE D 184 2.66 -5.99 13.85
N ILE D 185 3.78 -6.35 14.44
CA ILE D 185 4.26 -5.74 15.68
C ILE D 185 5.33 -4.71 15.33
N ASP D 186 5.29 -3.58 16.03
CA ASP D 186 6.14 -2.45 15.69
C ASP D 186 6.92 -1.92 16.92
N MET D 214 6.85 -3.14 23.63
CA MET D 214 5.67 -3.11 24.49
C MET D 214 5.71 -4.22 25.54
N PRO D 215 4.73 -4.21 26.44
CA PRO D 215 4.26 -5.45 27.06
C PRO D 215 4.01 -6.54 26.03
N PRO D 216 4.82 -7.60 26.06
CA PRO D 216 4.40 -8.92 25.58
C PRO D 216 2.91 -9.16 25.80
N ALA D 217 2.40 -8.74 26.95
CA ALA D 217 1.03 -9.05 27.35
C ALA D 217 0.02 -8.37 26.42
N ALA D 218 0.43 -7.23 25.88
CA ALA D 218 -0.40 -6.47 24.96
C ALA D 218 -0.51 -7.16 23.59
N VAL D 219 0.58 -7.81 23.17
CA VAL D 219 0.58 -8.64 21.95
C VAL D 219 -0.35 -9.84 22.13
N ALA D 220 -0.26 -10.50 23.29
CA ALA D 220 -1.13 -11.62 23.63
C ALA D 220 -2.62 -11.22 23.62
N GLY D 221 -2.92 -10.02 24.15
CA GLY D 221 -4.27 -9.48 24.19
C GLY D 221 -4.81 -9.21 22.81
N ALA D 222 -3.92 -8.74 21.94
CA ALA D 222 -4.23 -8.48 20.53
C ALA D 222 -4.56 -9.78 19.77
N TYR D 223 -3.81 -10.84 20.06
CA TYR D 223 -4.10 -12.17 19.50
C TYR D 223 -5.41 -12.71 20.00
N TRP D 224 -5.67 -12.50 21.29
CA TRP D 224 -6.97 -12.86 21.85
C TRP D 224 -8.13 -12.08 21.22
N GLN D 225 -7.90 -10.81 20.93
CA GLN D 225 -8.87 -9.97 20.23
C GLN D 225 -9.15 -10.53 18.83
N LEU D 226 -8.10 -10.89 18.09
CA LEU D 226 -8.29 -11.54 16.78
C LEU D 226 -9.04 -12.88 16.94
N TYR D 227 -8.65 -13.65 17.97
CA TYR D 227 -9.35 -14.88 18.25
C TYR D 227 -10.87 -14.69 18.43
N GLN D 228 -11.26 -13.66 19.21
CA GLN D 228 -12.68 -13.41 19.51
C GLN D 228 -13.53 -12.83 18.37
N GLN D 229 -12.91 -12.35 17.29
CA GLN D 229 -13.70 -11.78 16.17
C GLN D 229 -14.67 -12.81 15.57
N PRO D 230 -15.96 -12.45 15.41
CA PRO D 230 -16.87 -13.39 14.77
C PRO D 230 -16.67 -13.38 13.25
N LYS D 231 -17.11 -14.46 12.60
CA LYS D 231 -17.02 -14.68 11.15
C LYS D 231 -17.52 -13.53 10.28
N SER D 232 -18.48 -12.77 10.79
CA SER D 232 -19.09 -11.65 10.05
C SER D 232 -18.19 -10.43 9.96
N ALA D 233 -17.11 -10.41 10.73
CA ALA D 233 -16.23 -9.27 10.81
C ALA D 233 -14.81 -9.69 11.18
N TRP D 234 -14.18 -10.46 10.29
CA TRP D 234 -12.82 -10.92 10.51
C TRP D 234 -11.84 -9.95 9.88
N THR D 235 -10.76 -9.70 10.61
CA THR D 235 -9.68 -8.85 10.14
C THR D 235 -8.54 -9.77 9.74
N PHE D 236 -8.00 -9.58 8.54
CA PHE D 236 -6.84 -10.31 8.11
C PHE D 236 -5.57 -9.69 8.68
N GLU D 237 -5.39 -8.38 8.51
CA GLU D 237 -4.14 -7.77 8.94
C GLU D 237 -4.38 -6.61 9.91
N MET D 238 -3.61 -6.59 11.00
CA MET D 238 -3.68 -5.56 12.02
C MET D 238 -2.24 -5.19 12.39
N GLU D 239 -2.00 -3.91 12.65
CA GLU D 239 -0.71 -3.46 13.18
C GLU D 239 -0.88 -2.86 14.56
N ILE D 240 -0.01 -3.21 15.51
CA ILE D 240 -0.04 -2.61 16.83
C ILE D 240 1.26 -1.91 17.17
N ARG D 241 1.15 -0.80 17.88
CA ARG D 241 2.29 0.00 18.33
C ARG D 241 2.06 0.34 19.80
N PRO D 242 3.16 0.51 20.58
CA PRO D 242 3.02 1.00 21.97
C PRO D 242 3.08 2.53 22.11
N TYR D 243 2.15 3.09 22.90
CA TYR D 243 2.12 4.54 23.21
C TYR D 243 2.13 4.80 24.71
#